data_8IC0
#
_entry.id   8IC0
#
_cell.length_a   1.00
_cell.length_b   1.00
_cell.length_c   1.00
_cell.angle_alpha   90.00
_cell.angle_beta   90.00
_cell.angle_gamma   90.00
#
_symmetry.space_group_name_H-M   'P 1'
#
loop_
_entity.id
_entity.type
_entity.pdbx_description
1 polymer 'C-X-C chemokine receptor type 1'
2 polymer 'Guanine nucleotide-binding protein G(i) subunit alpha-1'
3 polymer 'Guanine nucleotide-binding protein G(I)/G(S)/G(T) subunit beta-1'
4 polymer 'Guanine nucleotide-binding protein G(I)/G(S)/G(O) subunit gamma-2'
5 polymer scFv16
6 polymer Interleukin-8
#
loop_
_entity_poly.entity_id
_entity_poly.type
_entity_poly.pdbx_seq_one_letter_code
_entity_poly.pdbx_strand_id
1 'polypeptide(L)'
;MSNITDPQMWDFDDLNFTGMPPADEDYSPCMLETETLNKYVVIIAYALVFLLSLLGNSLVMLVILYSRVGRSVTDVYLLN
LALADLLFALTLPIWAASKVNGWIFGTFLCKVVSLLKEVNFYSGILLLACISVDRYLAIVHATRTLTQKRHLVKFVCLGC
WGLSMNLSLPFFLFRQAYHPNNSSPVCYEVLGNDTAKWRMVLRILPHTFGFIVPLFVMLFCYGFTLRTLFKAHMGQKHRA
MRVIFAVVLIFLLCWLPYNLVLLADTLMRTQVIQESCERRNNIGRALDATEILGFLHSCLNPIIYAFIGQNFRHGFLKIL
AMHGLVSKEFLARHRVTSYTSSSVNVSSNLHHHHHHHH
;
A
2 'polypeptide(L)'
;MGCTLSAEDKAAVERSKMIDRNLREDGEKAAREVKLLLLGAGESGKSTIVKQMKIIHEAGYSEEECKQYKAVVYSNTIQS
IIAIIRAMGRLKIDFGDSARADDARQLFVLAGAAEEGFMTAELAGVIKRLWKDSGVQACFNRSREYQLNDSAAYYLNDLD
RIAQPNYIPTQQDVLRTRVKTTGIVETHFTFKDLHFKMFDVGGQRSERKKWIHCFEGVTAIIFCVALSDYDLVLAEDEEM
NRMHESMKLFDSICNNKWFTDTSIILFLNKKDLFEEKIKKSPLTICYPEYAGSNTYEEAAAYIQCQFEDLNKRKDTKEIY
THFTCATDTKNVQFVFDAVTDVIIKNNLKDCGLF
;
B
3 'polypeptide(L)'
;GPGSSGSELDQLRQEAEQLKNQIRDARKACADATLSQITNNIDPVGRIQMRTRRTLRGHLAKIYAMHWGTDSRLLVSASQ
DGKLIIWDSYTTNKVHAIPLRSSWVMTCAYAPSGNYVACGGLDNICSIYNLKTREGNVRVSRELAGHTGYLSCCRFLDDN
QIVTSSGDTTCALWDIETGQQTTTFTGHTGDVMSLSLAPDTRLFVSGACDASAKLWDVREGMCRQTFTGHESDINAICFF
PNGNAFATGSDDATCRLFDLRADQELMTYSHDNIICGITSVSFSKSGRLLLAGYDDFNCNVWDALKADRAGVLAGHDNRV
SCLGVTDDGMAVATGSWDSFLKIWN
;
C
4 'polypeptide(L)' MASNNTASIAQARKLVEQLKMEANIDRIKVSKAAADLMAYCEAHAKEDPLLTPVPASENPFREKKFFCAILGSAGSAGSA D
5 'polypeptide(L)'
;DVQLVESGGGLVQPGGSRKLSCSASGFAFSSFGMHWVRQAPEKGLEWVAYISSGSGTIYYADTVKGRFTISRDDPKNTLF
LQMTSLRSEDTAMYYCVRSIYYYGSSPFDFWGQGTTLTVSSGGGGSGGGGSGGGGSDIVMTQATSSVPVTPGESVSISCR
SSKSLLHSNGNTYLYWFLQRPGQSPQLLIYRMSNLASGVPDRFSGSGSGTAFTLTISRLEAEDVGVYYCMQHLEYPLTFG
AGTKLELKAAALEVLFQ
;
E
6 'polypeptide(L)' SAKELRCQCIKTYSKPFHPKFIKELRVIESGPHCANTEIIVKLSDGRELCLDPKENWVQRVVEKFLKRAENS F
#
# COMPACT_ATOMS: atom_id res chain seq x y z
N PRO A 21 -13.92 74.19 44.59
CA PRO A 21 -13.70 72.97 43.82
C PRO A 21 -14.65 71.84 44.21
N PRO A 22 -15.53 71.46 43.29
CA PRO A 22 -16.50 70.39 43.57
C PRO A 22 -15.81 69.02 43.54
N ALA A 23 -16.60 67.99 43.82
CA ALA A 23 -16.11 66.62 43.88
C ALA A 23 -16.97 65.73 42.98
N ASP A 24 -16.32 64.82 42.26
CA ASP A 24 -17.01 63.87 41.41
C ASP A 24 -16.10 62.68 41.20
N GLU A 25 -16.70 61.54 40.84
CA GLU A 25 -15.98 60.29 40.71
C GLU A 25 -16.08 59.65 39.33
N ASP A 26 -16.75 60.29 38.38
CA ASP A 26 -16.87 59.72 37.04
C ASP A 26 -15.58 59.83 36.23
N TYR A 27 -14.61 60.60 36.68
CA TYR A 27 -13.33 60.76 36.01
C TYR A 27 -12.18 60.07 36.73
N SER A 28 -12.43 59.45 37.88
CA SER A 28 -11.36 58.83 38.64
C SER A 28 -10.98 57.49 38.03
N PRO A 29 -9.73 57.30 37.60
CA PRO A 29 -9.34 56.00 37.05
C PRO A 29 -9.27 54.93 38.14
N CYS A 30 -9.45 53.68 37.72
CA CYS A 30 -9.37 52.54 38.61
C CYS A 30 -8.24 51.62 38.18
N MET A 31 -7.80 50.78 39.11
CA MET A 31 -6.63 49.94 38.94
C MET A 31 -7.04 48.51 38.62
N LEU A 32 -6.31 47.87 37.71
CA LEU A 32 -6.65 46.53 37.21
C LEU A 32 -6.44 45.51 38.34
N GLU A 33 -7.54 45.06 38.93
CA GLU A 33 -7.46 44.12 40.05
C GLU A 33 -6.82 42.81 39.62
N THR A 34 -5.90 42.32 40.45
CA THR A 34 -5.22 41.04 40.23
C THR A 34 -5.38 40.23 41.52
N GLU A 35 -6.49 39.50 41.62
CA GLU A 35 -6.76 38.73 42.83
C GLU A 35 -5.81 37.54 42.94
N THR A 36 -5.38 37.26 44.16
CA THR A 36 -4.55 36.08 44.40
C THR A 36 -5.32 34.80 44.09
N LEU A 37 -6.59 34.75 44.49
CA LEU A 37 -7.42 33.60 44.16
C LEU A 37 -7.59 33.44 42.66
N ASN A 38 -7.64 34.55 41.92
CA ASN A 38 -7.75 34.47 40.47
C ASN A 38 -6.53 33.76 39.86
N LYS A 39 -5.34 34.10 40.32
CA LYS A 39 -4.14 33.49 39.77
C LYS A 39 -3.80 32.15 40.42
N TYR A 40 -4.51 31.77 41.49
CA TYR A 40 -4.40 30.41 41.98
C TYR A 40 -4.92 29.40 40.96
N VAL A 41 -6.11 29.66 40.41
CA VAL A 41 -6.72 28.74 39.47
C VAL A 41 -5.98 28.74 38.14
N VAL A 42 -5.54 29.92 37.70
CA VAL A 42 -4.97 30.06 36.36
C VAL A 42 -3.74 29.18 36.20
N ILE A 43 -2.83 29.23 37.19
CA ILE A 43 -1.64 28.38 37.13
C ILE A 43 -2.01 26.92 37.28
N ILE A 44 -3.02 26.62 38.11
CA ILE A 44 -3.46 25.24 38.29
C ILE A 44 -4.16 24.73 37.03
N ALA A 45 -5.02 25.56 36.44
CA ALA A 45 -5.77 25.14 35.25
C ALA A 45 -4.83 24.83 34.09
N TYR A 46 -3.80 25.64 33.90
CA TYR A 46 -2.85 25.39 32.81
C TYR A 46 -2.14 24.06 32.99
N ALA A 47 -1.73 23.75 34.22
CA ALA A 47 -0.98 22.51 34.46
C ALA A 47 -1.83 21.28 34.15
N LEU A 48 -3.08 21.27 34.61
CA LEU A 48 -3.93 20.10 34.40
C LEU A 48 -4.30 19.93 32.92
N VAL A 49 -4.53 21.05 32.23
CA VAL A 49 -4.83 20.97 30.80
C VAL A 49 -3.60 20.49 30.04
N PHE A 50 -2.42 20.96 30.41
CA PHE A 50 -1.19 20.47 29.79
C PHE A 50 -0.99 18.99 30.07
N LEU A 51 -1.27 18.56 31.30
CA LEU A 51 -1.12 17.14 31.63
C LEU A 51 -2.09 16.29 30.82
N LEU A 52 -3.35 16.72 30.70
CA LEU A 52 -4.30 15.97 29.89
C LEU A 52 -3.92 15.99 28.42
N SER A 53 -3.46 17.15 27.92
CA SER A 53 -3.07 17.25 26.52
C SER A 53 -1.85 16.39 26.22
N LEU A 54 -0.87 16.37 27.12
CA LEU A 54 0.33 15.59 26.89
C LEU A 54 0.08 14.09 26.88
N LEU A 55 -1.05 13.64 27.43
CA LEU A 55 -1.40 12.23 27.46
C LEU A 55 -2.35 11.84 26.33
N GLY A 56 -3.47 12.56 26.19
CA GLY A 56 -4.43 12.22 25.16
C GLY A 56 -3.89 12.44 23.76
N ASN A 57 -3.19 13.55 23.53
CA ASN A 57 -2.71 13.86 22.19
C ASN A 57 -1.52 12.99 21.81
N SER A 58 -0.62 12.73 22.76
CA SER A 58 0.53 11.88 22.47
C SER A 58 0.10 10.44 22.22
N LEU A 59 -0.92 9.97 22.92
CA LEU A 59 -1.39 8.59 22.74
C LEU A 59 -1.92 8.38 21.32
N VAL A 60 -2.62 9.38 20.77
CA VAL A 60 -3.09 9.28 19.39
C VAL A 60 -1.92 9.20 18.43
N MET A 61 -0.89 10.01 18.65
CA MET A 61 0.32 9.92 17.84
C MET A 61 1.01 8.57 18.05
N LEU A 62 0.96 8.05 19.27
CA LEU A 62 1.63 6.78 19.56
C LEU A 62 1.00 5.63 18.79
N VAL A 63 -0.34 5.60 18.70
CA VAL A 63 -1.03 4.48 18.10
C VAL A 63 -0.79 4.42 16.60
N ILE A 64 -0.89 5.57 15.92
CA ILE A 64 -0.87 5.58 14.45
C ILE A 64 0.48 5.11 13.92
N LEU A 65 1.58 5.56 14.51
CA LEU A 65 2.90 5.24 13.98
C LEU A 65 3.19 3.76 14.06
N TYR A 66 2.81 3.10 15.15
CA TYR A 66 3.16 1.69 15.34
C TYR A 66 2.47 0.80 14.31
N SER A 67 1.24 1.12 13.95
CA SER A 67 0.49 0.26 13.03
C SER A 67 1.12 0.25 11.65
N ARG A 68 1.14 1.40 10.98
CA ARG A 68 1.70 1.60 9.64
C ARG A 68 1.01 0.73 8.58
N VAL A 69 -0.04 0.01 8.95
CA VAL A 69 -0.77 -0.86 8.04
C VAL A 69 -2.21 -0.39 7.98
N GLY A 70 -2.73 -0.20 6.77
CA GLY A 70 -4.07 0.32 6.62
C GLY A 70 -4.24 1.79 6.93
N ARG A 71 -3.16 2.56 6.82
CA ARG A 71 -3.22 4.00 7.07
C ARG A 71 -4.04 4.66 5.98
N SER A 72 -5.26 5.06 6.31
CA SER A 72 -6.17 5.65 5.35
C SER A 72 -5.95 7.15 5.27
N VAL A 73 -6.86 7.86 4.61
CA VAL A 73 -6.71 9.30 4.42
C VAL A 73 -6.87 10.04 5.74
N THR A 74 -7.84 9.61 6.57
CA THR A 74 -8.11 10.32 7.82
C THR A 74 -7.05 10.06 8.87
N ASP A 75 -6.23 9.02 8.72
CA ASP A 75 -5.17 8.78 9.68
C ASP A 75 -4.09 9.85 9.60
N VAL A 76 -3.91 10.47 8.44
CA VAL A 76 -2.93 11.54 8.32
C VAL A 76 -3.40 12.78 9.07
N TYR A 77 -4.68 13.14 8.92
CA TYR A 77 -5.19 14.32 9.61
C TYR A 77 -5.12 14.16 11.12
N LEU A 78 -5.49 12.99 11.62
CA LEU A 78 -5.39 12.74 13.07
C LEU A 78 -3.94 12.81 13.53
N LEU A 79 -3.01 12.35 12.69
CA LEU A 79 -1.59 12.44 13.04
C LEU A 79 -1.16 13.90 13.16
N ASN A 80 -1.54 14.73 12.19
CA ASN A 80 -1.16 16.14 12.25
C ASN A 80 -1.93 16.88 13.32
N LEU A 81 -3.23 16.59 13.46
CA LEU A 81 -4.05 17.29 14.44
C LEU A 81 -3.61 16.95 15.87
N ALA A 82 -3.23 15.69 16.10
CA ALA A 82 -2.65 15.35 17.40
C ALA A 82 -1.29 16.01 17.58
N LEU A 83 -0.52 16.12 16.50
CA LEU A 83 0.75 16.84 16.55
C LEU A 83 0.53 18.32 16.83
N ALA A 84 -0.49 18.92 16.22
CA ALA A 84 -0.75 20.33 16.41
C ALA A 84 -1.08 20.64 17.87
N ASP A 85 -1.90 19.80 18.51
CA ASP A 85 -2.20 20.00 19.92
C ASP A 85 -1.03 19.62 20.81
N LEU A 86 -0.19 18.68 20.35
CA LEU A 86 0.98 18.29 21.15
C LEU A 86 1.96 19.45 21.29
N LEU A 87 2.25 20.15 20.18
CA LEU A 87 3.11 21.32 20.26
C LEU A 87 2.47 22.41 21.10
N PHE A 88 1.17 22.59 20.96
CA PHE A 88 0.44 23.57 21.77
C PHE A 88 0.49 23.24 23.25
N ALA A 89 0.66 21.96 23.61
CA ALA A 89 0.78 21.59 25.01
C ALA A 89 2.05 22.17 25.62
N LEU A 90 3.17 22.14 24.89
CA LEU A 90 4.43 22.64 25.43
C LEU A 90 4.39 24.14 25.70
N THR A 91 3.55 24.88 24.96
CA THR A 91 3.47 26.32 25.16
C THR A 91 2.70 26.66 26.44
N LEU A 92 1.82 25.76 26.90
CA LEU A 92 0.98 26.06 28.06
C LEU A 92 1.78 26.33 29.33
N PRO A 93 2.77 25.51 29.73
CA PRO A 93 3.53 25.85 30.94
C PRO A 93 4.27 27.16 30.84
N ILE A 94 4.70 27.55 29.63
CA ILE A 94 5.40 28.81 29.46
C ILE A 94 4.52 29.99 29.85
N TRP A 95 3.27 29.98 29.39
CA TRP A 95 2.34 31.06 29.72
C TRP A 95 1.99 31.06 31.21
N ALA A 96 1.95 29.88 31.84
CA ALA A 96 1.54 29.78 33.23
C ALA A 96 2.49 30.53 34.15
N ALA A 97 3.80 30.40 33.94
CA ALA A 97 4.78 31.01 34.83
C ALA A 97 4.71 32.52 34.79
N SER A 98 4.30 33.10 33.66
CA SER A 98 4.25 34.55 33.52
C SER A 98 2.93 35.16 34.01
N LYS A 99 1.95 34.34 34.38
CA LYS A 99 0.68 34.89 34.85
C LYS A 99 0.78 35.47 36.25
N VAL A 100 1.73 35.02 37.06
CA VAL A 100 1.91 35.52 38.42
C VAL A 100 3.26 36.21 38.59
N ASN A 101 4.32 35.68 37.97
CA ASN A 101 5.65 36.23 38.12
C ASN A 101 6.05 37.15 36.98
N GLY A 102 5.15 37.42 36.03
CA GLY A 102 5.46 38.27 34.91
C GLY A 102 6.35 37.58 33.90
N TRP A 103 6.59 38.29 32.78
CA TRP A 103 7.40 37.76 31.70
C TRP A 103 8.85 38.19 31.91
N ILE A 104 9.49 37.52 32.87
CA ILE A 104 10.90 37.78 33.17
C ILE A 104 11.76 36.83 32.34
N PHE A 105 11.12 36.11 31.41
CA PHE A 105 11.86 35.16 30.58
C PHE A 105 12.85 35.89 29.67
N GLY A 106 12.44 37.00 29.09
CA GLY A 106 13.29 37.77 28.20
C GLY A 106 12.59 38.11 26.90
N THR A 107 13.16 39.09 26.21
CA THR A 107 12.59 39.55 24.94
C THR A 107 12.65 38.46 23.88
N PHE A 108 13.75 37.71 23.83
CA PHE A 108 13.89 36.68 22.81
C PHE A 108 12.85 35.59 22.98
N LEU A 109 12.59 35.16 24.21
CA LEU A 109 11.64 34.07 24.43
C LEU A 109 10.20 34.50 24.20
N CYS A 110 9.90 35.79 24.33
CA CYS A 110 8.53 36.25 24.10
C CYS A 110 8.13 36.06 22.64
N LYS A 111 9.06 36.30 21.71
CA LYS A 111 8.73 36.21 20.29
C LYS A 111 8.58 34.76 19.84
N VAL A 112 9.47 33.87 20.31
CA VAL A 112 9.49 32.51 19.78
C VAL A 112 8.27 31.72 20.25
N VAL A 113 7.89 31.84 21.52
CA VAL A 113 6.78 31.03 22.02
C VAL A 113 5.44 31.58 21.52
N SER A 114 5.35 32.88 21.24
CA SER A 114 4.13 33.43 20.66
C SER A 114 3.91 32.90 19.25
N LEU A 115 4.99 32.73 18.48
CA LEU A 115 4.85 32.11 17.16
C LEU A 115 4.36 30.68 17.27
N LEU A 116 4.90 29.93 18.24
CA LEU A 116 4.50 28.54 18.42
C LEU A 116 3.03 28.42 18.80
N LYS A 117 2.53 29.36 19.60
CA LYS A 117 1.15 29.29 20.07
C LYS A 117 0.17 29.61 18.95
N GLU A 118 0.55 30.48 18.01
CA GLU A 118 -0.40 30.92 16.99
C GLU A 118 -0.42 30.01 15.76
N VAL A 119 0.68 29.34 15.44
CA VAL A 119 0.69 28.46 14.27
C VAL A 119 -0.25 27.28 14.48
N ASN A 120 -0.19 26.65 15.65
CA ASN A 120 -1.11 25.56 15.95
C ASN A 120 -2.46 26.03 16.46
N PHE A 121 -2.60 27.33 16.74
CA PHE A 121 -3.91 27.90 17.01
C PHE A 121 -4.78 27.93 15.76
N TYR A 122 -4.16 28.14 14.59
CA TYR A 122 -4.86 28.15 13.32
C TYR A 122 -4.85 26.79 12.63
N SER A 123 -3.67 26.17 12.53
CA SER A 123 -3.61 24.82 11.95
C SER A 123 -4.40 23.82 12.78
N GLY A 124 -4.54 24.07 14.08
CA GLY A 124 -5.44 23.26 14.88
C GLY A 124 -6.89 23.48 14.49
N ILE A 125 -7.24 24.70 14.09
CA ILE A 125 -8.61 25.01 13.73
C ILE A 125 -8.84 24.81 12.23
N LEU A 126 -7.86 25.19 11.40
CA LEU A 126 -8.01 25.00 9.96
C LEU A 126 -8.14 23.53 9.60
N LEU A 127 -7.46 22.64 10.33
CA LEU A 127 -7.60 21.22 10.07
C LEU A 127 -8.98 20.70 10.44
N LEU A 128 -9.63 21.32 11.42
CA LEU A 128 -11.01 20.94 11.73
C LEU A 128 -11.94 21.24 10.56
N ALA A 129 -11.74 22.37 9.88
CA ALA A 129 -12.47 22.62 8.65
C ALA A 129 -11.92 21.79 7.50
N CYS A 130 -10.63 21.50 7.51
CA CYS A 130 -10.04 20.66 6.47
C CYS A 130 -10.55 19.23 6.52
N ILE A 131 -10.69 18.68 7.73
CA ILE A 131 -11.27 17.34 7.86
C ILE A 131 -12.71 17.35 7.39
N SER A 132 -13.45 18.42 7.69
CA SER A 132 -14.85 18.48 7.29
C SER A 132 -15.01 18.46 5.78
N VAL A 133 -14.06 19.02 5.04
CA VAL A 133 -14.07 18.89 3.59
C VAL A 133 -13.87 17.43 3.20
N ASP A 134 -12.96 16.74 3.88
CA ASP A 134 -12.70 15.33 3.59
C ASP A 134 -13.94 14.49 3.87
N ARG A 135 -14.65 14.75 4.96
CA ARG A 135 -15.86 14.01 5.26
C ARG A 135 -17.01 14.39 4.35
N TYR A 136 -16.92 15.54 3.67
CA TYR A 136 -17.94 15.89 2.69
C TYR A 136 -17.78 15.12 1.40
N LEU A 137 -16.53 14.87 0.98
CA LEU A 137 -16.29 14.12 -0.25
C LEU A 137 -16.60 12.64 -0.08
N ALA A 138 -16.29 12.08 1.10
CA ALA A 138 -16.43 10.65 1.28
C ALA A 138 -17.90 10.23 1.39
N ILE A 139 -18.77 11.15 1.81
CA ILE A 139 -20.17 10.80 2.05
C ILE A 139 -21.07 11.35 0.96
N VAL A 140 -21.08 12.67 0.78
CA VAL A 140 -21.99 13.28 -0.19
C VAL A 140 -21.62 12.84 -1.61
N HIS A 141 -20.32 12.90 -1.95
CA HIS A 141 -19.84 12.40 -3.23
C HIS A 141 -19.54 10.91 -3.10
N ALA A 142 -20.60 10.15 -2.84
CA ALA A 142 -20.45 8.72 -2.60
C ALA A 142 -19.88 8.01 -3.83
N THR A 143 -20.49 8.23 -4.99
CA THR A 143 -19.91 7.74 -6.23
C THR A 143 -18.59 8.45 -6.47
N ARG A 144 -17.54 7.69 -6.79
CA ARG A 144 -16.20 8.26 -6.86
C ARG A 144 -16.11 9.14 -8.10
N THR A 145 -16.63 10.36 -7.97
CA THR A 145 -16.68 11.33 -9.05
C THR A 145 -15.73 12.49 -8.84
N LEU A 146 -15.84 13.20 -7.72
CA LEU A 146 -14.96 14.31 -7.39
C LEU A 146 -14.10 14.03 -6.17
N THR A 147 -13.82 12.74 -5.91
CA THR A 147 -13.00 12.34 -4.77
C THR A 147 -11.54 12.64 -5.12
N GLN A 148 -11.07 13.81 -4.70
CA GLN A 148 -9.70 14.24 -4.91
C GLN A 148 -8.79 13.94 -3.73
N LYS A 149 -9.29 13.27 -2.70
CA LYS A 149 -8.53 12.96 -1.50
C LYS A 149 -7.60 11.76 -1.68
N ARG A 150 -7.35 11.33 -2.92
CA ARG A 150 -6.56 10.13 -3.16
C ARG A 150 -5.14 10.29 -2.64
N HIS A 151 -4.39 11.21 -3.23
CA HIS A 151 -3.00 11.46 -2.85
C HIS A 151 -2.76 12.90 -2.42
N LEU A 152 -3.76 13.77 -2.50
CA LEU A 152 -3.61 15.16 -2.10
C LEU A 152 -3.50 15.33 -0.59
N VAL A 153 -3.70 14.26 0.18
CA VAL A 153 -3.76 14.39 1.63
C VAL A 153 -2.47 14.98 2.18
N LYS A 154 -1.32 14.49 1.70
CA LYS A 154 -0.05 15.05 2.16
C LYS A 154 0.11 16.50 1.72
N PHE A 155 -0.43 16.86 0.55
CA PHE A 155 -0.33 18.24 0.08
C PHE A 155 -1.26 19.17 0.83
N VAL A 156 -2.49 18.72 1.10
CA VAL A 156 -3.46 19.58 1.78
C VAL A 156 -3.05 19.82 3.22
N CYS A 157 -2.48 18.81 3.89
CA CYS A 157 -1.97 19.00 5.24
C CYS A 157 -0.84 20.04 5.27
N LEU A 158 0.05 19.98 4.27
CA LEU A 158 1.13 20.97 4.21
C LEU A 158 0.59 22.37 3.99
N GLY A 159 -0.46 22.50 3.16
CA GLY A 159 -1.08 23.80 2.98
C GLY A 159 -1.69 24.33 4.25
N CYS A 160 -2.35 23.46 5.03
CA CYS A 160 -2.95 23.88 6.28
C CYS A 160 -1.89 24.38 7.26
N TRP A 161 -0.77 23.65 7.38
CA TRP A 161 0.34 24.15 8.17
C TRP A 161 0.99 25.36 7.51
N GLY A 162 1.11 25.33 6.18
CA GLY A 162 1.76 26.42 5.48
C GLY A 162 1.01 27.74 5.60
N LEU A 163 -0.32 27.68 5.55
CA LEU A 163 -1.12 28.89 5.73
C LEU A 163 -0.99 29.44 7.14
N SER A 164 -0.85 28.56 8.12
CA SER A 164 -0.73 29.01 9.51
C SER A 164 0.59 29.70 9.76
N MET A 165 1.67 29.22 9.13
CA MET A 165 2.99 29.82 9.38
C MET A 165 3.03 31.27 8.96
N ASN A 166 2.46 31.61 7.80
CA ASN A 166 2.46 32.99 7.35
C ASN A 166 1.44 33.83 8.11
N LEU A 167 0.46 33.19 8.76
CA LEU A 167 -0.52 33.94 9.53
C LEU A 167 0.05 34.41 10.86
N SER A 168 0.94 33.64 11.46
CA SER A 168 1.51 33.96 12.76
C SER A 168 2.74 34.85 12.67
N LEU A 169 3.16 35.24 11.47
CA LEU A 169 4.33 36.11 11.33
C LEU A 169 4.13 37.46 12.02
N PRO A 170 3.01 38.17 11.86
CA PRO A 170 2.86 39.46 12.57
C PRO A 170 3.01 39.34 14.07
N PHE A 171 2.57 38.23 14.66
CA PHE A 171 2.78 38.02 16.09
C PHE A 171 4.25 37.84 16.42
N PHE A 172 4.97 37.09 15.58
CA PHE A 172 6.36 36.74 15.91
C PHE A 172 7.30 37.93 15.70
N LEU A 173 7.10 38.68 14.62
CA LEU A 173 8.04 39.75 14.25
C LEU A 173 8.13 40.83 15.33
N PHE A 174 7.03 41.53 15.58
CA PHE A 174 7.01 42.67 16.50
C PHE A 174 6.15 42.32 17.72
N ARG A 175 6.81 41.73 18.72
CA ARG A 175 6.18 41.47 20.01
C ARG A 175 7.29 41.45 21.05
N GLN A 176 7.50 42.58 21.71
CA GLN A 176 8.61 42.74 22.65
C GLN A 176 8.08 42.73 24.08
N ALA A 177 8.77 41.99 24.94
CA ALA A 177 8.41 41.91 26.36
C ALA A 177 9.05 43.08 27.11
N TYR A 178 8.51 44.27 26.83
CA TYR A 178 9.02 45.49 27.44
C TYR A 178 8.49 45.60 28.87
N HIS A 179 8.73 46.74 29.52
CA HIS A 179 8.44 46.92 30.94
C HIS A 179 7.37 48.00 31.11
N PRO A 180 6.10 47.62 31.19
CA PRO A 180 5.07 48.59 31.58
C PRO A 180 5.40 49.20 32.94
N ASN A 181 5.11 50.49 33.07
CA ASN A 181 5.36 51.19 34.32
C ASN A 181 4.45 50.65 35.42
N ASN A 182 5.02 50.43 36.61
CA ASN A 182 4.27 49.96 37.77
C ASN A 182 3.56 48.63 37.48
N SER A 183 4.19 47.78 36.68
CA SER A 183 3.61 46.49 36.34
C SER A 183 4.73 45.53 35.95
N SER A 184 4.47 44.24 36.16
CA SER A 184 5.43 43.22 35.77
C SER A 184 5.49 43.12 34.26
N PRO A 185 6.64 42.71 33.71
CA PRO A 185 6.78 42.61 32.25
C PRO A 185 5.80 41.60 31.68
N VAL A 186 5.27 41.91 30.49
CA VAL A 186 4.32 41.07 29.79
C VAL A 186 4.78 40.91 28.34
N CYS A 187 4.49 39.75 27.76
CA CYS A 187 4.82 39.48 26.36
C CYS A 187 3.80 40.17 25.45
N TYR A 188 3.79 41.50 25.54
CA TYR A 188 2.84 42.34 24.85
C TYR A 188 3.34 42.69 23.45
N GLU A 189 2.41 43.07 22.58
CA GLU A 189 2.76 43.50 21.24
C GLU A 189 3.33 44.92 21.28
N VAL A 190 4.48 45.11 20.65
CA VAL A 190 5.18 46.39 20.67
C VAL A 190 5.28 46.90 19.24
N LEU A 191 4.77 48.10 19.01
CA LEU A 191 4.88 48.77 17.73
C LEU A 191 4.86 50.28 18.00
N GLY A 192 4.59 51.07 16.96
CA GLY A 192 4.55 52.52 17.12
C GLY A 192 3.45 53.02 18.03
N ASN A 193 3.18 54.33 17.97
CA ASN A 193 2.21 54.95 18.87
C ASN A 193 0.78 54.54 18.59
N ASP A 194 0.52 53.80 17.51
CA ASP A 194 -0.81 53.38 17.11
C ASP A 194 -1.09 51.93 17.48
N THR A 195 -0.65 51.50 18.66
CA THR A 195 -0.83 50.11 19.07
C THR A 195 -2.30 49.71 19.07
N ALA A 196 -3.17 50.57 19.61
CA ALA A 196 -4.59 50.26 19.62
C ALA A 196 -5.15 50.20 18.21
N LYS A 197 -4.76 51.14 17.34
CA LYS A 197 -5.27 51.15 15.98
C LYS A 197 -4.71 50.01 15.15
N TRP A 198 -3.41 49.73 15.29
CA TRP A 198 -2.79 48.66 14.51
C TRP A 198 -3.37 47.31 14.89
N ARG A 199 -3.60 47.08 16.18
CA ARG A 199 -4.13 45.79 16.62
C ARG A 199 -5.52 45.52 16.07
N MET A 200 -6.27 46.56 15.71
CA MET A 200 -7.60 46.37 15.15
C MET A 200 -7.52 45.59 13.84
N VAL A 201 -6.54 45.90 12.99
CA VAL A 201 -6.33 45.12 11.78
C VAL A 201 -5.85 43.72 12.13
N LEU A 202 -4.97 43.60 13.13
CA LEU A 202 -4.46 42.29 13.52
C LEU A 202 -5.57 41.42 14.14
N ARG A 203 -6.55 42.05 14.79
CA ARG A 203 -7.64 41.29 15.40
C ARG A 203 -8.51 40.58 14.36
N ILE A 204 -8.40 40.97 13.09
CA ILE A 204 -9.22 40.35 12.05
C ILE A 204 -8.78 38.90 11.81
N LEU A 205 -7.47 38.63 11.85
CA LEU A 205 -6.97 37.30 11.53
C LEU A 205 -7.51 36.22 12.48
N PRO A 206 -7.55 36.40 13.80
CA PRO A 206 -8.21 35.38 14.64
C PRO A 206 -9.69 35.24 14.37
N HIS A 207 -10.31 36.22 13.71
CA HIS A 207 -11.74 36.16 13.40
C HIS A 207 -12.01 35.72 11.97
N THR A 208 -11.37 36.36 10.99
CA THR A 208 -11.67 36.03 9.59
C THR A 208 -11.16 34.66 9.19
N PHE A 209 -10.07 34.19 9.81
CA PHE A 209 -9.52 32.88 9.50
C PHE A 209 -9.54 31.92 10.68
N GLY A 210 -9.82 32.40 11.90
CA GLY A 210 -9.93 31.50 13.02
C GLY A 210 -11.36 31.02 13.23
N PHE A 211 -12.33 31.86 12.93
CA PHE A 211 -13.74 31.54 13.18
C PHE A 211 -14.59 31.53 11.92
N ILE A 212 -14.56 32.61 11.13
CA ILE A 212 -15.54 32.78 10.07
C ILE A 212 -15.34 31.72 8.98
N VAL A 213 -14.18 31.73 8.32
CA VAL A 213 -13.93 30.77 7.25
C VAL A 213 -14.00 29.32 7.74
N PRO A 214 -13.39 28.94 8.87
CA PRO A 214 -13.60 27.57 9.35
C PRO A 214 -15.05 27.23 9.62
N LEU A 215 -15.86 28.20 10.06
CA LEU A 215 -17.27 27.90 10.32
C LEU A 215 -18.06 27.78 9.02
N PHE A 216 -17.79 28.66 8.05
CA PHE A 216 -18.51 28.59 6.78
C PHE A 216 -18.20 27.29 6.06
N VAL A 217 -16.94 26.88 6.06
CA VAL A 217 -16.57 25.60 5.46
C VAL A 217 -17.20 24.44 6.24
N MET A 218 -17.17 24.52 7.57
CA MET A 218 -17.67 23.43 8.39
C MET A 218 -19.18 23.26 8.23
N LEU A 219 -19.94 24.35 8.30
CA LEU A 219 -21.39 24.22 8.22
C LEU A 219 -21.84 23.85 6.81
N PHE A 220 -21.17 24.37 5.79
CA PHE A 220 -21.52 24.02 4.42
C PHE A 220 -21.18 22.55 4.14
N CYS A 221 -19.98 22.12 4.54
CA CYS A 221 -19.59 20.73 4.32
C CYS A 221 -20.47 19.77 5.11
N TYR A 222 -20.75 20.10 6.37
CA TYR A 222 -21.66 19.29 7.17
C TYR A 222 -23.12 19.60 6.90
N GLY A 223 -23.41 20.61 6.08
CA GLY A 223 -24.78 20.86 5.69
C GLY A 223 -25.32 19.81 4.73
N PHE A 224 -24.44 19.23 3.93
CA PHE A 224 -24.86 18.25 2.93
C PHE A 224 -24.71 16.81 3.39
N THR A 225 -23.72 16.50 4.23
CA THR A 225 -23.62 15.15 4.76
C THR A 225 -24.83 14.80 5.60
N LEU A 226 -25.36 15.78 6.34
CA LEU A 226 -26.60 15.55 7.08
C LEU A 226 -27.76 15.33 6.13
N ARG A 227 -27.72 15.95 4.94
CA ARG A 227 -28.77 15.72 3.97
C ARG A 227 -28.74 14.29 3.44
N THR A 228 -27.55 13.77 3.12
CA THR A 228 -27.46 12.40 2.61
C THR A 228 -27.74 11.39 3.71
N LEU A 229 -27.23 11.64 4.92
CA LEU A 229 -27.54 10.75 6.03
C LEU A 229 -29.03 10.75 6.36
N PHE A 230 -29.72 11.86 6.10
CA PHE A 230 -31.16 11.91 6.33
C PHE A 230 -31.93 11.18 5.25
N LYS A 231 -31.50 11.31 4.00
CA LYS A 231 -32.22 10.73 2.86
C LYS A 231 -31.77 9.32 2.52
N ALA A 232 -30.77 8.78 3.20
CA ALA A 232 -30.31 7.43 2.96
C ALA A 232 -30.53 6.58 4.22
N HIS A 233 -30.58 5.26 4.03
CA HIS A 233 -30.90 4.32 5.10
C HIS A 233 -29.76 3.30 5.20
N MET A 234 -28.75 3.62 6.00
CA MET A 234 -27.64 2.71 6.22
C MET A 234 -27.93 1.81 7.42
N GLY A 235 -26.93 1.00 7.78
CA GLY A 235 -27.02 0.18 8.97
C GLY A 235 -26.54 0.94 10.20
N GLN A 236 -27.48 1.34 11.06
CA GLN A 236 -27.19 2.15 12.23
C GLN A 236 -26.51 3.47 11.83
N LYS A 237 -27.24 4.26 11.04
CA LYS A 237 -26.76 5.58 10.64
C LYS A 237 -26.99 6.63 11.71
N HIS A 238 -27.73 6.31 12.77
CA HIS A 238 -27.99 7.30 13.81
C HIS A 238 -26.73 7.68 14.56
N ARG A 239 -25.79 6.74 14.73
CA ARG A 239 -24.54 7.06 15.41
C ARG A 239 -23.75 8.10 14.63
N ALA A 240 -23.65 7.93 13.30
CA ALA A 240 -23.00 8.95 12.49
C ALA A 240 -23.82 10.24 12.44
N MET A 241 -25.14 10.12 12.56
CA MET A 241 -26.00 11.29 12.64
C MET A 241 -25.75 12.11 13.90
N ARG A 242 -25.15 11.50 14.92
CA ARG A 242 -24.94 12.13 16.22
C ARG A 242 -23.52 12.65 16.41
N VAL A 243 -22.51 11.91 15.94
CA VAL A 243 -21.12 12.34 16.13
C VAL A 243 -20.87 13.67 15.43
N ILE A 244 -21.47 13.87 14.26
CA ILE A 244 -21.33 15.14 13.56
C ILE A 244 -21.91 16.28 14.39
N PHE A 245 -23.07 16.05 15.01
CA PHE A 245 -23.65 17.09 15.85
C PHE A 245 -22.80 17.37 17.08
N ALA A 246 -22.07 16.36 17.57
CA ALA A 246 -21.24 16.56 18.74
C ALA A 246 -20.04 17.46 18.44
N VAL A 247 -19.37 17.22 17.31
CA VAL A 247 -18.18 18.01 16.98
C VAL A 247 -18.57 19.45 16.60
N VAL A 248 -19.68 19.62 15.89
CA VAL A 248 -20.12 20.97 15.52
C VAL A 248 -20.48 21.77 16.75
N LEU A 249 -21.22 21.16 17.69
CA LEU A 249 -21.65 21.89 18.89
C LEU A 249 -20.45 22.29 19.74
N ILE A 250 -19.46 21.41 19.86
CA ILE A 250 -18.29 21.73 20.68
C ILE A 250 -17.52 22.90 20.09
N PHE A 251 -17.36 22.92 18.77
CA PHE A 251 -16.66 24.04 18.13
C PHE A 251 -17.39 25.36 18.40
N LEU A 252 -18.71 25.36 18.30
CA LEU A 252 -19.47 26.56 18.62
C LEU A 252 -19.44 26.85 20.12
N LEU A 253 -19.31 25.81 20.95
CA LEU A 253 -19.28 26.02 22.39
C LEU A 253 -17.94 26.55 22.87
N CYS A 254 -16.86 26.25 22.15
CA CYS A 254 -15.50 26.57 22.61
C CYS A 254 -15.00 27.91 22.06
N TRP A 255 -14.94 28.06 20.75
CA TRP A 255 -14.29 29.22 20.17
C TRP A 255 -15.21 30.43 20.09
N LEU A 256 -16.51 30.22 19.92
CA LEU A 256 -17.43 31.35 19.81
C LEU A 256 -17.45 32.23 21.06
N PRO A 257 -17.53 31.70 22.29
CA PRO A 257 -17.48 32.60 23.46
C PRO A 257 -16.21 33.40 23.55
N TYR A 258 -15.07 32.82 23.14
CA TYR A 258 -13.82 33.58 23.14
C TYR A 258 -13.88 34.72 22.14
N ASN A 259 -14.46 34.48 20.97
CA ASN A 259 -14.52 35.51 19.95
C ASN A 259 -15.53 36.60 20.29
N LEU A 260 -16.61 36.24 20.99
CA LEU A 260 -17.61 37.25 21.37
C LEU A 260 -17.01 38.31 22.28
N VAL A 261 -16.35 37.88 23.35
CA VAL A 261 -15.73 38.84 24.26
C VAL A 261 -14.56 39.54 23.58
N LEU A 262 -13.84 38.84 22.70
CA LEU A 262 -12.77 39.47 21.95
C LEU A 262 -13.32 40.53 21.00
N LEU A 263 -14.44 40.23 20.33
CA LEU A 263 -15.06 41.22 19.46
C LEU A 263 -15.60 42.41 20.25
N ALA A 264 -16.13 42.14 21.45
CA ALA A 264 -16.67 43.22 22.27
C ALA A 264 -15.59 44.23 22.63
N ASP A 265 -14.39 43.74 22.96
CA ASP A 265 -13.28 44.63 23.31
C ASP A 265 -12.97 45.62 22.18
N THR A 266 -13.23 45.22 20.93
CA THR A 266 -13.01 46.14 19.81
C THR A 266 -13.95 47.34 19.88
N LEU A 267 -15.21 47.10 20.25
CA LEU A 267 -16.20 48.19 20.26
C LEU A 267 -15.83 49.29 21.26
N MET A 268 -15.38 48.90 22.46
CA MET A 268 -14.94 49.92 23.41
C MET A 268 -13.66 50.61 22.94
N ARG A 269 -12.77 49.87 22.27
CA ARG A 269 -11.53 50.48 21.78
C ARG A 269 -11.82 51.55 20.74
N THR A 270 -12.82 51.32 19.88
CA THR A 270 -13.21 52.30 18.88
C THR A 270 -14.32 53.23 19.37
N GLN A 271 -14.68 53.14 20.66
CA GLN A 271 -15.67 54.01 21.28
C GLN A 271 -17.03 53.88 20.61
N VAL A 272 -17.58 52.66 20.64
CA VAL A 272 -18.93 52.41 20.16
C VAL A 272 -19.84 52.21 21.37
N ILE A 273 -19.48 51.28 22.24
CA ILE A 273 -20.21 51.02 23.48
C ILE A 273 -19.64 51.93 24.56
N GLN A 274 -20.52 52.36 25.48
CA GLN A 274 -20.07 53.18 26.60
C GLN A 274 -19.08 52.42 27.46
N GLU A 275 -18.07 53.13 27.96
CA GLU A 275 -17.00 52.55 28.74
C GLU A 275 -17.21 52.85 30.22
N SER A 276 -17.09 51.82 31.05
CA SER A 276 -17.22 51.98 32.49
C SER A 276 -16.22 51.09 33.20
N CYS A 277 -15.82 51.49 34.40
CA CYS A 277 -14.85 50.72 35.16
C CYS A 277 -15.42 49.38 35.62
N GLU A 278 -16.73 49.32 35.86
CA GLU A 278 -17.34 48.07 36.31
C GLU A 278 -17.18 46.97 35.28
N ARG A 279 -17.42 47.29 34.00
CA ARG A 279 -17.18 46.34 32.92
C ARG A 279 -15.72 46.32 32.47
N ARG A 280 -14.92 47.31 32.88
CA ARG A 280 -13.51 47.31 32.54
C ARG A 280 -12.79 46.11 33.15
N ASN A 281 -13.08 45.82 34.42
CA ASN A 281 -12.51 44.63 35.05
C ASN A 281 -13.21 43.35 34.61
N ASN A 282 -14.51 43.43 34.32
CA ASN A 282 -15.26 42.24 33.93
C ASN A 282 -14.75 41.66 32.62
N ILE A 283 -14.48 42.52 31.64
CA ILE A 283 -14.02 42.03 30.35
C ILE A 283 -12.63 41.40 30.46
N GLY A 284 -11.76 41.96 31.30
CA GLY A 284 -10.45 41.36 31.49
C GLY A 284 -10.52 39.98 32.12
N ARG A 285 -11.38 39.83 33.13
CA ARG A 285 -11.61 38.50 33.70
C ARG A 285 -12.30 37.58 32.71
N ALA A 286 -13.26 38.11 31.96
CA ALA A 286 -13.99 37.29 30.99
C ALA A 286 -13.06 36.80 29.89
N LEU A 287 -12.16 37.66 29.41
CA LEU A 287 -11.26 37.27 28.33
C LEU A 287 -10.33 36.15 28.77
N ASP A 288 -9.79 36.23 29.97
CA ASP A 288 -8.87 35.19 30.44
C ASP A 288 -9.62 33.91 30.81
N ALA A 289 -10.77 34.05 31.48
CA ALA A 289 -11.53 32.86 31.87
C ALA A 289 -12.08 32.12 30.65
N THR A 290 -12.59 32.86 29.66
CA THR A 290 -13.12 32.22 28.47
C THR A 290 -12.01 31.65 27.60
N GLU A 291 -10.81 32.23 27.67
CA GLU A 291 -9.68 31.68 26.94
C GLU A 291 -9.37 30.26 27.38
N ILE A 292 -9.70 29.93 28.62
CA ILE A 292 -9.53 28.55 29.11
C ILE A 292 -10.36 27.59 28.26
N LEU A 293 -11.59 28.00 27.91
CA LEU A 293 -12.42 27.18 27.03
C LEU A 293 -11.74 26.96 25.69
N GLY A 294 -10.94 27.92 25.22
CA GLY A 294 -10.20 27.73 23.99
C GLY A 294 -9.18 26.61 24.12
N PHE A 295 -8.46 26.55 25.24
CA PHE A 295 -7.52 25.47 25.46
C PHE A 295 -8.21 24.14 25.75
N LEU A 296 -9.48 24.17 26.15
CA LEU A 296 -10.21 22.94 26.41
C LEU A 296 -10.35 22.11 25.15
N HIS A 297 -10.47 22.76 23.99
CA HIS A 297 -10.61 22.03 22.73
C HIS A 297 -9.36 21.23 22.37
N SER A 298 -8.22 21.53 23.00
CA SER A 298 -7.01 20.79 22.74
C SER A 298 -6.92 19.47 23.50
N CYS A 299 -7.76 19.27 24.51
CA CYS A 299 -7.80 18.02 25.26
C CYS A 299 -8.97 17.14 24.85
N LEU A 300 -10.13 17.72 24.59
CA LEU A 300 -11.26 16.98 24.05
C LEU A 300 -11.02 16.54 22.61
N ASN A 301 -9.99 17.06 21.96
CA ASN A 301 -9.77 16.76 20.55
C ASN A 301 -9.53 15.28 20.29
N PRO A 302 -8.66 14.56 21.02
CA PRO A 302 -8.56 13.11 20.78
C PRO A 302 -9.84 12.36 21.10
N ILE A 303 -10.60 12.80 22.10
CA ILE A 303 -11.77 12.05 22.54
C ILE A 303 -12.84 12.02 21.47
N ILE A 304 -13.10 13.16 20.81
CA ILE A 304 -14.20 13.24 19.86
C ILE A 304 -13.79 12.96 18.42
N TYR A 305 -12.50 12.72 18.17
CA TYR A 305 -12.03 12.35 16.84
C TYR A 305 -11.39 10.97 16.79
N ALA A 306 -10.47 10.68 17.70
CA ALA A 306 -9.71 9.43 17.62
C ALA A 306 -10.41 8.29 18.34
N PHE A 307 -10.66 8.44 19.64
CA PHE A 307 -11.22 7.35 20.43
C PHE A 307 -12.65 7.00 20.02
N ILE A 308 -13.34 7.91 19.34
CA ILE A 308 -14.72 7.63 18.92
C ILE A 308 -14.77 6.84 17.62
N GLY A 309 -13.65 6.72 16.90
CA GLY A 309 -13.63 5.96 15.67
C GLY A 309 -13.53 4.46 15.95
N GLN A 310 -14.31 3.69 15.19
CA GLN A 310 -14.33 2.24 15.36
C GLN A 310 -12.98 1.64 15.01
N ASN A 311 -12.36 2.10 13.93
CA ASN A 311 -11.09 1.54 13.49
C ASN A 311 -9.97 1.82 14.49
N PHE A 312 -9.99 3.02 15.09
CA PHE A 312 -8.90 3.42 15.98
C PHE A 312 -8.86 2.55 17.24
N ARG A 313 -10.02 2.25 17.82
CA ARG A 313 -10.05 1.52 19.09
C ARG A 313 -9.46 0.12 18.93
N HIS A 314 -9.81 -0.56 17.84
CA HIS A 314 -9.28 -1.91 17.63
C HIS A 314 -7.77 -1.88 17.39
N GLY A 315 -7.28 -0.83 16.74
CA GLY A 315 -5.84 -0.65 16.64
C GLY A 315 -5.20 -0.35 17.98
N PHE A 316 -5.92 0.38 18.84
CA PHE A 316 -5.39 0.70 20.16
C PHE A 316 -5.21 -0.56 21.00
N LEU A 317 -6.19 -1.46 20.97
CA LEU A 317 -6.10 -2.68 21.76
C LEU A 317 -4.97 -3.59 21.28
N LYS A 318 -4.68 -3.59 19.98
CA LYS A 318 -3.58 -4.40 19.47
C LYS A 318 -2.24 -3.94 20.05
N ILE A 319 -2.05 -2.63 20.16
CA ILE A 319 -0.80 -2.10 20.72
C ILE A 319 -0.68 -2.46 22.19
N LEU A 320 -1.78 -2.38 22.93
CA LEU A 320 -1.75 -2.72 24.35
C LEU A 320 -1.41 -4.19 24.56
N ALA A 321 -1.93 -5.07 23.71
CA ALA A 321 -1.64 -6.49 23.84
C ALA A 321 -0.16 -6.76 23.61
N MET A 322 0.45 -6.09 22.64
CA MET A 322 1.87 -6.28 22.34
C MET A 322 2.74 -5.71 23.46
N CYS B 3 25.76 9.15 -3.48
CA CYS B 3 24.87 8.28 -2.72
C CYS B 3 25.25 6.81 -2.91
N THR B 4 26.56 6.57 -3.05
CA THR B 4 27.17 5.25 -3.23
C THR B 4 26.35 4.32 -4.13
N LEU B 5 25.82 4.86 -5.22
CA LEU B 5 25.05 4.08 -6.18
C LEU B 5 25.65 4.22 -7.56
N SER B 6 25.74 3.11 -8.29
CA SER B 6 26.32 3.12 -9.61
C SER B 6 25.34 3.70 -10.62
N ALA B 7 25.82 3.87 -11.86
CA ALA B 7 25.00 4.47 -12.91
C ALA B 7 23.81 3.59 -13.24
N GLU B 8 24.02 2.28 -13.33
CA GLU B 8 22.92 1.38 -13.66
C GLU B 8 21.97 1.22 -12.48
N ASP B 9 22.51 1.14 -11.26
CA ASP B 9 21.67 1.00 -10.08
C ASP B 9 20.80 2.24 -9.89
N LYS B 10 21.35 3.43 -10.11
CA LYS B 10 20.56 4.65 -10.01
C LYS B 10 19.49 4.69 -11.09
N ALA B 11 19.82 4.24 -12.30
CA ALA B 11 18.85 4.23 -13.38
C ALA B 11 17.80 3.14 -13.18
N ALA B 12 18.14 2.09 -12.43
CA ALA B 12 17.15 1.04 -12.15
C ALA B 12 16.06 1.56 -11.21
N VAL B 13 16.43 2.39 -10.24
CA VAL B 13 15.45 2.95 -9.32
C VAL B 13 14.52 3.92 -10.04
N GLU B 14 15.03 4.60 -11.08
CA GLU B 14 14.15 5.43 -11.90
C GLU B 14 13.09 4.61 -12.60
N ARG B 15 13.40 3.36 -12.93
CA ARG B 15 12.41 2.47 -13.52
C ARG B 15 11.41 1.98 -12.49
N SER B 16 11.86 1.77 -11.25
CA SER B 16 10.97 1.27 -10.20
C SER B 16 9.82 2.23 -9.94
N LYS B 17 10.13 3.52 -9.76
CA LYS B 17 9.08 4.48 -9.44
C LYS B 17 8.23 4.81 -10.65
N MET B 18 8.79 4.75 -11.86
CA MET B 18 7.94 4.88 -13.05
C MET B 18 6.99 3.69 -13.17
N ILE B 19 7.45 2.49 -12.81
CA ILE B 19 6.56 1.36 -12.68
C ILE B 19 5.57 1.58 -11.54
N ASP B 20 6.07 2.11 -10.41
CA ASP B 20 5.23 2.33 -9.25
C ASP B 20 4.12 3.34 -9.54
N ARG B 21 4.44 4.40 -10.28
CA ARG B 21 3.44 5.42 -10.59
C ARG B 21 2.30 4.86 -11.42
N ASN B 22 2.59 3.90 -12.30
CA ASN B 22 1.54 3.31 -13.12
C ASN B 22 0.60 2.44 -12.30
N LEU B 23 1.08 1.88 -11.19
CA LEU B 23 0.19 1.17 -10.28
C LEU B 23 -0.70 2.16 -9.51
N ARG B 24 -0.11 3.24 -9.00
CA ARG B 24 -0.89 4.23 -8.29
C ARG B 24 -1.93 4.89 -9.19
N GLU B 25 -1.53 5.24 -10.42
CA GLU B 25 -2.47 5.84 -11.36
C GLU B 25 -3.52 4.84 -11.82
N ASP B 26 -3.33 3.55 -11.56
CA ASP B 26 -4.34 2.54 -11.82
C ASP B 26 -5.05 2.08 -10.56
N GLY B 27 -4.44 2.26 -9.39
CA GLY B 27 -5.12 1.93 -8.15
C GLY B 27 -6.27 2.86 -7.84
N GLU B 28 -6.23 4.09 -8.36
CA GLU B 28 -7.36 5.00 -8.22
C GLU B 28 -8.53 4.57 -9.10
N LYS B 29 -8.26 3.85 -10.18
CA LYS B 29 -9.32 3.35 -11.04
C LYS B 29 -9.97 2.08 -10.50
N ALA B 30 -9.22 1.29 -9.71
CA ALA B 30 -9.79 0.09 -9.11
C ALA B 30 -10.68 0.42 -7.92
N ALA B 31 -10.35 1.46 -7.15
CA ALA B 31 -11.19 1.86 -6.03
C ALA B 31 -12.55 2.36 -6.52
N ARG B 32 -12.56 3.15 -7.60
CA ARG B 32 -13.81 3.60 -8.18
C ARG B 32 -14.62 2.42 -8.73
N GLU B 33 -13.93 1.37 -9.15
CA GLU B 33 -14.60 0.16 -9.63
C GLU B 33 -15.42 -0.48 -8.53
N VAL B 34 -16.57 -1.03 -8.91
CA VAL B 34 -17.47 -1.74 -7.99
C VAL B 34 -17.58 -3.18 -8.46
N LYS B 35 -17.32 -4.12 -7.55
CA LYS B 35 -17.39 -5.53 -7.84
C LYS B 35 -18.62 -6.13 -7.18
N LEU B 36 -19.36 -6.96 -7.91
CA LEU B 36 -20.64 -7.49 -7.46
C LEU B 36 -20.72 -8.97 -7.79
N LEU B 37 -20.58 -9.83 -6.78
CA LEU B 37 -20.84 -11.25 -6.97
C LEU B 37 -22.33 -11.47 -7.23
N LEU B 38 -22.64 -12.52 -7.97
CA LEU B 38 -24.02 -12.93 -8.21
C LEU B 38 -24.20 -14.38 -7.79
N LEU B 39 -25.25 -14.64 -7.03
CA LEU B 39 -25.60 -15.97 -6.57
C LEU B 39 -26.89 -16.43 -7.28
N GLY B 40 -27.39 -17.59 -6.89
CA GLY B 40 -28.62 -18.10 -7.43
C GLY B 40 -28.39 -19.32 -8.32
N ALA B 41 -29.50 -19.98 -8.65
CA ALA B 41 -29.44 -21.18 -9.49
C ALA B 41 -29.22 -20.78 -10.96
N GLY B 42 -28.97 -21.80 -11.78
CA GLY B 42 -28.73 -21.57 -13.20
C GLY B 42 -29.95 -21.15 -13.98
N GLU B 43 -31.14 -21.47 -13.50
CA GLU B 43 -32.38 -21.12 -14.18
C GLU B 43 -33.36 -20.38 -13.25
N SER B 44 -32.85 -19.77 -12.19
CA SER B 44 -33.68 -19.03 -11.23
C SER B 44 -33.64 -17.54 -11.48
N GLY B 45 -33.58 -17.12 -12.74
CA GLY B 45 -33.43 -15.73 -13.09
C GLY B 45 -32.00 -15.26 -13.20
N LYS B 46 -31.03 -16.19 -13.24
CA LYS B 46 -29.63 -15.81 -13.36
C LYS B 46 -29.37 -15.09 -14.68
N SER B 47 -29.96 -15.57 -15.76
CA SER B 47 -29.77 -14.98 -17.08
C SER B 47 -30.76 -13.86 -17.37
N THR B 48 -31.64 -13.53 -16.44
CA THR B 48 -32.68 -12.53 -16.68
C THR B 48 -32.20 -11.11 -16.37
N ILE B 49 -31.75 -10.89 -15.13
CA ILE B 49 -31.35 -9.54 -14.73
C ILE B 49 -30.02 -9.13 -15.33
N VAL B 50 -29.19 -10.10 -15.75
CA VAL B 50 -27.90 -9.75 -16.34
C VAL B 50 -28.05 -9.17 -17.74
N LYS B 51 -29.17 -9.44 -18.41
CA LYS B 51 -29.41 -8.94 -19.75
C LYS B 51 -30.15 -7.62 -19.78
N GLN B 52 -30.52 -7.08 -18.62
CA GLN B 52 -31.23 -5.80 -18.59
C GLN B 52 -30.35 -4.66 -19.12
N MET B 53 -29.08 -4.65 -18.72
CA MET B 53 -28.15 -3.62 -19.16
C MET B 53 -26.75 -4.20 -19.11
N LYS B 54 -26.15 -4.42 -20.29
CA LYS B 54 -24.82 -5.03 -20.39
C LYS B 54 -24.10 -4.38 -21.57
N ILE B 55 -23.13 -3.52 -21.27
CA ILE B 55 -22.29 -2.88 -22.28
C ILE B 55 -20.84 -3.22 -21.96
N ILE B 56 -20.14 -3.82 -22.92
CA ILE B 56 -18.76 -4.20 -22.72
C ILE B 56 -17.99 -4.14 -24.04
N VAL B 179 -15.63 -17.68 -25.03
CA VAL B 179 -16.16 -18.72 -24.17
C VAL B 179 -15.03 -19.47 -23.48
N LYS B 180 -13.82 -18.92 -23.58
CA LYS B 180 -12.66 -19.55 -22.95
C LYS B 180 -12.64 -19.35 -21.44
N THR B 181 -13.44 -18.44 -20.92
CA THR B 181 -13.51 -18.18 -19.48
C THR B 181 -14.65 -18.98 -18.84
N THR B 182 -14.57 -20.30 -19.00
CA THR B 182 -15.61 -21.18 -18.49
C THR B 182 -15.70 -21.16 -16.97
N GLY B 183 -14.64 -20.73 -16.28
CA GLY B 183 -14.67 -20.65 -14.83
C GLY B 183 -15.61 -19.57 -14.33
N ILE B 184 -15.28 -18.32 -14.61
CA ILE B 184 -16.07 -17.17 -14.20
C ILE B 184 -16.42 -16.34 -15.44
N VAL B 185 -17.71 -16.08 -15.63
CA VAL B 185 -18.17 -15.20 -16.70
C VAL B 185 -18.39 -13.82 -16.11
N GLU B 186 -17.89 -12.80 -16.80
CA GLU B 186 -17.85 -11.45 -16.28
C GLU B 186 -18.63 -10.50 -17.20
N THR B 187 -19.22 -9.47 -16.61
CA THR B 187 -19.98 -8.48 -17.34
C THR B 187 -19.56 -7.09 -16.88
N HIS B 188 -19.01 -6.30 -17.79
CA HIS B 188 -18.48 -4.97 -17.46
C HIS B 188 -19.49 -3.87 -17.72
N PHE B 189 -20.71 -4.00 -17.21
CA PHE B 189 -21.73 -2.99 -17.49
C PHE B 189 -21.59 -1.81 -16.53
N THR B 190 -21.92 -0.63 -17.03
CA THR B 190 -21.75 0.61 -16.30
C THR B 190 -23.05 1.41 -16.32
N PHE B 191 -23.17 2.33 -15.35
CA PHE B 191 -24.38 3.13 -15.22
C PHE B 191 -24.07 4.37 -14.41
N LYS B 192 -24.42 5.54 -14.97
CA LYS B 192 -24.31 6.84 -14.29
C LYS B 192 -22.91 7.06 -13.75
N ASP B 193 -21.93 6.99 -14.65
CA ASP B 193 -20.52 7.27 -14.33
C ASP B 193 -20.03 6.38 -13.20
N LEU B 194 -20.41 5.10 -13.24
CA LEU B 194 -19.90 4.11 -12.30
C LEU B 194 -19.76 2.78 -13.02
N HIS B 195 -18.55 2.22 -13.02
CA HIS B 195 -18.28 0.98 -13.74
C HIS B 195 -18.50 -0.19 -12.78
N PHE B 196 -19.60 -0.92 -12.99
CA PHE B 196 -19.93 -2.09 -12.20
C PHE B 196 -19.23 -3.32 -12.75
N LYS B 197 -19.09 -4.34 -11.89
CA LYS B 197 -18.55 -5.62 -12.29
C LYS B 197 -19.52 -6.71 -11.88
N MET B 198 -19.43 -7.86 -12.53
CA MET B 198 -20.45 -8.90 -12.42
C MET B 198 -19.80 -10.27 -12.59
N PHE B 199 -19.51 -10.93 -11.47
CA PHE B 199 -18.84 -12.23 -11.49
C PHE B 199 -19.88 -13.31 -11.21
N ASP B 200 -20.55 -13.77 -12.27
CA ASP B 200 -21.54 -14.83 -12.13
C ASP B 200 -20.84 -16.15 -11.84
N VAL B 201 -20.94 -16.60 -10.60
CA VAL B 201 -20.27 -17.83 -10.17
C VAL B 201 -21.24 -18.99 -10.41
N GLY B 202 -21.21 -19.52 -11.62
CA GLY B 202 -22.01 -20.68 -11.96
C GLY B 202 -21.18 -21.83 -12.49
N GLY B 203 -20.01 -21.52 -13.03
CA GLY B 203 -19.12 -22.51 -13.60
C GLY B 203 -18.20 -23.20 -12.62
N GLN B 204 -18.28 -22.87 -11.34
CA GLN B 204 -17.43 -23.49 -10.32
C GLN B 204 -18.10 -24.78 -9.86
N ARG B 205 -17.65 -25.90 -10.43
CA ARG B 205 -18.19 -27.22 -10.08
C ARG B 205 -17.44 -27.80 -8.88
N SER B 206 -17.58 -27.11 -7.75
CA SER B 206 -16.93 -27.52 -6.51
C SER B 206 -17.70 -26.91 -5.34
N GLU B 207 -17.17 -27.08 -4.14
CA GLU B 207 -17.80 -26.50 -2.96
C GLU B 207 -17.72 -24.98 -3.00
N ARG B 208 -18.80 -24.33 -2.55
CA ARG B 208 -18.81 -22.87 -2.54
C ARG B 208 -17.82 -22.32 -1.53
N LYS B 209 -17.67 -22.98 -0.38
CA LYS B 209 -16.78 -22.48 0.67
C LYS B 209 -15.31 -22.50 0.27
N LYS B 210 -14.93 -23.30 -0.73
CA LYS B 210 -13.53 -23.42 -1.10
C LYS B 210 -12.99 -22.10 -1.64
N TRP B 211 -13.66 -21.52 -2.63
CA TRP B 211 -13.24 -20.26 -3.22
C TRP B 211 -13.96 -19.05 -2.63
N ILE B 212 -14.83 -19.25 -1.64
CA ILE B 212 -15.56 -18.13 -1.06
C ILE B 212 -14.63 -17.17 -0.32
N HIS B 213 -13.43 -17.63 0.06
CA HIS B 213 -12.45 -16.71 0.61
C HIS B 213 -11.86 -15.83 -0.47
N CYS B 214 -11.83 -16.30 -1.72
CA CYS B 214 -11.29 -15.50 -2.81
C CYS B 214 -12.17 -14.30 -3.14
N PHE B 215 -13.46 -14.35 -2.79
CA PHE B 215 -14.38 -13.27 -3.08
C PHE B 215 -14.59 -12.34 -1.90
N GLU B 216 -13.81 -12.49 -0.83
CA GLU B 216 -13.91 -11.58 0.29
C GLU B 216 -13.53 -10.17 -0.13
N GLY B 217 -14.21 -9.18 0.44
CA GLY B 217 -14.02 -7.80 0.06
C GLY B 217 -14.89 -7.31 -1.08
N VAL B 218 -15.73 -8.18 -1.65
CA VAL B 218 -16.65 -7.75 -2.69
C VAL B 218 -17.67 -6.80 -2.09
N THR B 219 -18.10 -5.81 -2.88
CA THR B 219 -18.95 -4.74 -2.37
C THR B 219 -20.34 -5.26 -2.01
N ALA B 220 -20.94 -6.07 -2.88
CA ALA B 220 -22.28 -6.58 -2.64
C ALA B 220 -22.41 -7.97 -3.22
N ILE B 221 -23.58 -8.57 -3.02
CA ILE B 221 -23.88 -9.90 -3.50
C ILE B 221 -25.33 -9.89 -3.99
N ILE B 222 -25.52 -9.79 -5.31
CA ILE B 222 -26.87 -9.88 -5.85
C ILE B 222 -27.35 -11.32 -5.75
N PHE B 223 -28.53 -11.49 -5.16
CA PHE B 223 -29.11 -12.81 -4.90
C PHE B 223 -30.49 -12.85 -5.53
N CYS B 224 -30.79 -13.92 -6.24
CA CYS B 224 -32.05 -14.04 -6.97
C CYS B 224 -32.85 -15.22 -6.44
N VAL B 225 -34.15 -15.01 -6.29
CA VAL B 225 -35.08 -16.07 -5.89
C VAL B 225 -36.23 -16.10 -6.88
N ALA B 226 -36.45 -17.25 -7.50
CA ALA B 226 -37.57 -17.41 -8.43
C ALA B 226 -38.85 -17.56 -7.64
N LEU B 227 -39.80 -16.65 -7.85
CA LEU B 227 -41.03 -16.63 -7.08
C LEU B 227 -41.99 -17.75 -7.47
N SER B 228 -41.79 -18.39 -8.62
CA SER B 228 -42.71 -19.42 -9.11
C SER B 228 -42.22 -20.83 -8.84
N ASP B 229 -41.27 -21.00 -7.92
CA ASP B 229 -40.71 -22.31 -7.61
C ASP B 229 -41.42 -23.02 -6.46
N TYR B 230 -42.51 -22.44 -5.94
CA TYR B 230 -43.21 -23.08 -4.83
C TYR B 230 -43.83 -24.41 -5.25
N ASP B 231 -44.40 -24.46 -6.45
CA ASP B 231 -45.02 -25.67 -6.96
C ASP B 231 -44.09 -26.50 -7.85
N LEU B 232 -42.83 -26.09 -7.99
CA LEU B 232 -41.86 -26.78 -8.83
C LEU B 232 -41.01 -27.69 -7.94
N VAL B 233 -40.97 -28.97 -8.29
CA VAL B 233 -40.25 -29.97 -7.51
C VAL B 233 -38.83 -30.09 -8.06
N LEU B 234 -37.91 -30.49 -7.19
CA LEU B 234 -36.50 -30.63 -7.59
C LEU B 234 -36.35 -31.75 -8.61
N ALA B 235 -35.41 -31.58 -9.53
CA ALA B 235 -35.26 -32.53 -10.64
C ALA B 235 -34.75 -33.88 -10.17
N GLU B 236 -33.67 -33.88 -9.38
CA GLU B 236 -33.04 -35.16 -9.02
C GLU B 236 -33.82 -35.89 -7.94
N ASP B 237 -34.46 -35.16 -7.03
CA ASP B 237 -35.21 -35.76 -5.94
C ASP B 237 -36.58 -35.11 -5.83
N GLU B 238 -37.58 -35.92 -5.46
CA GLU B 238 -38.94 -35.41 -5.33
C GLU B 238 -39.15 -34.76 -3.97
N GLU B 239 -38.27 -33.83 -3.61
CA GLU B 239 -38.33 -33.10 -2.36
C GLU B 239 -37.32 -31.97 -2.44
N MET B 240 -37.20 -31.19 -1.36
CA MET B 240 -36.23 -30.11 -1.26
C MET B 240 -36.43 -29.08 -2.38
N ASN B 241 -37.58 -28.41 -2.30
CA ASN B 241 -37.98 -27.41 -3.30
C ASN B 241 -36.91 -26.35 -3.51
N ARG B 242 -36.99 -25.66 -4.66
CA ARG B 242 -35.93 -24.73 -5.05
C ARG B 242 -35.78 -23.60 -4.04
N MET B 243 -36.90 -23.05 -3.55
CA MET B 243 -36.81 -22.06 -2.50
C MET B 243 -36.18 -22.65 -1.24
N HIS B 244 -36.58 -23.87 -0.88
CA HIS B 244 -35.97 -24.54 0.26
C HIS B 244 -34.52 -24.90 -0.01
N GLU B 245 -34.18 -25.22 -1.26
CA GLU B 245 -32.79 -25.37 -1.64
C GLU B 245 -32.05 -24.05 -1.50
N SER B 246 -32.69 -22.95 -1.91
CA SER B 246 -32.11 -21.63 -1.71
C SER B 246 -32.19 -21.18 -0.25
N MET B 247 -33.06 -21.80 0.54
CA MET B 247 -33.15 -21.46 1.96
C MET B 247 -31.83 -21.74 2.67
N LYS B 248 -31.25 -22.91 2.44
CA LYS B 248 -29.93 -23.21 2.99
C LYS B 248 -28.82 -22.50 2.23
N LEU B 249 -29.03 -22.22 0.95
CA LEU B 249 -28.04 -21.45 0.20
C LEU B 249 -27.92 -20.03 0.75
N PHE B 250 -29.05 -19.41 1.10
CA PHE B 250 -29.00 -18.08 1.69
C PHE B 250 -28.29 -18.10 3.04
N ASP B 251 -28.57 -19.11 3.86
CA ASP B 251 -27.95 -19.18 5.19
C ASP B 251 -26.44 -19.40 5.08
N SER B 252 -26.01 -20.21 4.12
CA SER B 252 -24.59 -20.50 3.96
C SER B 252 -23.79 -19.27 3.55
N ILE B 253 -24.43 -18.24 3.03
CA ILE B 253 -23.77 -17.05 2.55
C ILE B 253 -24.05 -15.84 3.44
N CYS B 254 -25.33 -15.63 3.78
CA CYS B 254 -25.69 -14.49 4.62
C CYS B 254 -25.11 -14.62 6.02
N ASN B 255 -25.05 -15.83 6.54
CA ASN B 255 -24.51 -16.08 7.88
C ASN B 255 -23.08 -16.61 7.84
N ASN B 256 -22.41 -16.54 6.69
CA ASN B 256 -21.06 -17.03 6.57
C ASN B 256 -20.10 -16.21 7.43
N LYS B 257 -19.03 -16.87 7.89
CA LYS B 257 -18.07 -16.20 8.77
C LYS B 257 -17.37 -15.05 8.05
N TRP B 258 -16.96 -15.27 6.80
CA TRP B 258 -16.27 -14.22 6.05
C TRP B 258 -17.24 -13.17 5.54
N PHE B 259 -18.44 -13.59 5.12
CA PHE B 259 -19.43 -12.67 4.53
C PHE B 259 -20.28 -12.10 5.65
N THR B 260 -19.76 -11.09 6.33
CA THR B 260 -20.47 -10.42 7.40
C THR B 260 -20.76 -8.96 7.12
N ASP B 261 -19.93 -8.30 6.30
CA ASP B 261 -20.12 -6.90 5.97
C ASP B 261 -20.63 -6.67 4.56
N THR B 262 -20.79 -7.73 3.76
CA THR B 262 -21.22 -7.60 2.38
C THR B 262 -22.75 -7.68 2.32
N SER B 263 -23.38 -6.52 2.12
CA SER B 263 -24.84 -6.47 2.04
C SER B 263 -25.33 -7.24 0.82
N ILE B 264 -26.47 -7.89 0.98
CA ILE B 264 -27.03 -8.77 -0.03
C ILE B 264 -28.15 -8.02 -0.74
N ILE B 265 -27.88 -7.53 -1.94
CA ILE B 265 -28.90 -6.89 -2.77
C ILE B 265 -29.77 -8.00 -3.34
N LEU B 266 -30.90 -8.26 -2.69
CA LEU B 266 -31.74 -9.41 -3.03
C LEU B 266 -32.86 -8.98 -3.95
N PHE B 267 -33.07 -9.72 -5.02
CA PHE B 267 -34.08 -9.41 -6.02
C PHE B 267 -35.18 -10.47 -6.03
N LEU B 268 -36.40 -10.04 -6.33
CA LEU B 268 -37.54 -10.92 -6.52
C LEU B 268 -37.91 -10.90 -7.99
N ASN B 269 -37.29 -11.79 -8.77
CA ASN B 269 -37.56 -11.85 -10.19
C ASN B 269 -38.66 -12.88 -10.49
N LYS B 270 -39.03 -12.97 -11.76
CA LYS B 270 -40.10 -13.87 -12.22
C LYS B 270 -41.41 -13.57 -11.49
N LYS B 271 -41.69 -12.29 -11.28
CA LYS B 271 -42.93 -11.88 -10.62
C LYS B 271 -44.13 -11.86 -11.56
N ASP B 272 -43.91 -11.98 -12.86
CA ASP B 272 -45.00 -11.97 -13.84
C ASP B 272 -45.66 -13.33 -13.99
N LEU B 273 -45.18 -14.35 -13.28
CA LEU B 273 -45.77 -15.67 -13.31
C LEU B 273 -46.37 -16.11 -11.98
N PHE B 274 -45.99 -15.47 -10.87
CA PHE B 274 -46.43 -15.91 -9.56
C PHE B 274 -47.88 -15.54 -9.29
N GLU B 275 -48.33 -14.39 -9.79
CA GLU B 275 -49.65 -13.89 -9.43
C GLU B 275 -50.76 -14.72 -10.06
N GLU B 276 -50.54 -15.28 -11.25
CA GLU B 276 -51.56 -16.04 -11.95
C GLU B 276 -51.49 -17.54 -11.67
N LYS B 277 -50.50 -17.99 -10.90
CA LYS B 277 -50.36 -19.41 -10.57
C LYS B 277 -50.91 -19.77 -9.21
N ILE B 278 -50.95 -18.83 -8.27
CA ILE B 278 -51.47 -19.10 -6.93
C ILE B 278 -52.99 -19.09 -6.87
N LYS B 279 -53.67 -18.78 -7.99
CA LYS B 279 -55.12 -18.84 -8.00
C LYS B 279 -55.61 -20.27 -7.77
N LYS B 280 -54.96 -21.25 -8.39
CA LYS B 280 -55.33 -22.65 -8.22
C LYS B 280 -54.32 -23.45 -7.39
N SER B 281 -53.12 -22.93 -7.18
CA SER B 281 -52.09 -23.61 -6.39
C SER B 281 -51.76 -22.77 -5.16
N PRO B 282 -52.33 -23.08 -4.00
CA PRO B 282 -52.03 -22.29 -2.81
C PRO B 282 -50.57 -22.39 -2.40
N LEU B 283 -50.06 -21.30 -1.80
CA LEU B 283 -48.66 -21.26 -1.38
C LEU B 283 -48.36 -22.19 -0.22
N THR B 284 -49.40 -22.72 0.45
CA THR B 284 -49.19 -23.57 1.62
C THR B 284 -48.53 -24.90 1.28
N ILE B 285 -48.45 -25.26 -0.01
CA ILE B 285 -47.76 -26.48 -0.38
C ILE B 285 -46.27 -26.38 -0.08
N CYS B 286 -45.68 -25.19 -0.26
CA CYS B 286 -44.27 -25.01 0.03
C CYS B 286 -44.01 -24.87 1.53
N TYR B 287 -44.65 -23.89 2.15
CA TYR B 287 -44.51 -23.67 3.59
C TYR B 287 -45.59 -24.43 4.33
N PRO B 288 -45.24 -25.40 5.19
CA PRO B 288 -46.27 -26.14 5.93
C PRO B 288 -47.13 -25.26 6.81
N GLU B 289 -46.57 -24.19 7.37
CA GLU B 289 -47.30 -23.24 8.20
C GLU B 289 -47.32 -21.91 7.47
N TYR B 290 -48.40 -21.66 6.72
CA TYR B 290 -48.54 -20.45 5.92
C TYR B 290 -49.41 -19.41 6.63
N ALA B 291 -50.65 -19.76 6.97
CA ALA B 291 -51.57 -18.89 7.68
C ALA B 291 -51.75 -17.56 6.96
N GLY B 292 -52.27 -17.65 5.74
CA GLY B 292 -52.51 -16.45 4.94
C GLY B 292 -53.33 -16.79 3.72
N SER B 293 -53.74 -15.72 3.03
CA SER B 293 -54.52 -15.85 1.81
C SER B 293 -53.58 -15.88 0.60
N ASN B 294 -54.14 -15.76 -0.60
CA ASN B 294 -53.35 -15.84 -1.82
C ASN B 294 -53.40 -14.53 -2.60
N THR B 295 -53.24 -13.41 -1.91
CA THR B 295 -53.19 -12.09 -2.53
C THR B 295 -51.73 -11.70 -2.74
N TYR B 296 -51.41 -11.29 -3.97
CA TYR B 296 -50.02 -10.98 -4.31
C TYR B 296 -49.47 -9.83 -3.48
N GLU B 297 -50.35 -8.91 -3.05
CA GLU B 297 -49.89 -7.78 -2.24
C GLU B 297 -49.32 -8.26 -0.91
N GLU B 298 -49.95 -9.26 -0.30
CA GLU B 298 -49.49 -9.79 0.98
C GLU B 298 -48.65 -11.05 0.85
N ALA B 299 -48.86 -11.86 -0.19
CA ALA B 299 -48.03 -13.04 -0.39
C ALA B 299 -46.57 -12.66 -0.64
N ALA B 300 -46.34 -11.66 -1.49
CA ALA B 300 -44.99 -11.17 -1.70
C ALA B 300 -44.42 -10.56 -0.43
N ALA B 301 -45.25 -9.80 0.30
CA ALA B 301 -44.80 -9.19 1.54
C ALA B 301 -44.48 -10.25 2.59
N TYR B 302 -45.30 -11.31 2.66
CA TYR B 302 -45.06 -12.36 3.64
C TYR B 302 -43.76 -13.10 3.36
N ILE B 303 -43.47 -13.38 2.09
CA ILE B 303 -42.29 -14.16 1.75
C ILE B 303 -41.02 -13.43 2.13
N GLN B 304 -40.94 -12.13 1.82
CA GLN B 304 -39.74 -11.36 2.12
C GLN B 304 -39.53 -11.16 3.62
N CYS B 305 -40.56 -11.41 4.44
CA CYS B 305 -40.41 -11.25 5.88
C CYS B 305 -39.38 -12.23 6.44
N GLN B 306 -39.41 -13.48 6.00
CA GLN B 306 -38.42 -14.44 6.47
C GLN B 306 -37.02 -14.12 5.93
N PHE B 307 -36.95 -13.68 4.67
CA PHE B 307 -35.65 -13.44 4.05
C PHE B 307 -34.86 -12.37 4.79
N GLU B 308 -35.52 -11.27 5.15
CA GLU B 308 -34.83 -10.19 5.85
C GLU B 308 -34.51 -10.55 7.30
N ASP B 309 -35.10 -11.61 7.84
CA ASP B 309 -34.84 -12.05 9.21
C ASP B 309 -33.92 -13.25 9.28
N LEU B 310 -33.35 -13.68 8.15
CA LEU B 310 -32.47 -14.83 8.12
C LEU B 310 -31.04 -14.50 8.56
N ASN B 311 -30.68 -13.22 8.61
CA ASN B 311 -29.33 -12.81 8.99
C ASN B 311 -29.17 -12.85 10.50
N LYS B 312 -28.02 -13.37 10.95
CA LYS B 312 -27.72 -13.37 12.37
C LYS B 312 -27.35 -11.99 12.89
N ARG B 313 -26.94 -11.08 12.00
CA ARG B 313 -26.67 -9.70 12.35
C ARG B 313 -27.69 -8.81 11.66
N LYS B 314 -28.42 -8.02 12.45
CA LYS B 314 -29.47 -7.16 11.92
C LYS B 314 -28.98 -5.74 11.64
N ASP B 315 -27.73 -5.44 11.96
CA ASP B 315 -27.18 -4.11 11.72
C ASP B 315 -25.91 -4.10 10.87
N THR B 316 -25.11 -5.17 10.92
CA THR B 316 -23.87 -5.19 10.14
C THR B 316 -24.15 -5.27 8.65
N LYS B 317 -25.18 -6.03 8.25
CA LYS B 317 -25.55 -6.16 6.86
C LYS B 317 -27.06 -5.95 6.71
N GLU B 318 -27.45 -5.46 5.54
CA GLU B 318 -28.85 -5.21 5.25
C GLU B 318 -29.20 -5.78 3.88
N ILE B 319 -30.47 -6.12 3.71
CA ILE B 319 -30.97 -6.73 2.48
C ILE B 319 -31.88 -5.72 1.79
N TYR B 320 -31.51 -5.33 0.57
CA TYR B 320 -32.26 -4.37 -0.22
C TYR B 320 -33.19 -5.15 -1.16
N THR B 321 -34.35 -5.52 -0.66
CA THR B 321 -35.31 -6.28 -1.47
C THR B 321 -35.90 -5.40 -2.56
N HIS B 322 -36.34 -6.04 -3.64
CA HIS B 322 -36.95 -5.33 -4.77
C HIS B 322 -37.72 -6.33 -5.62
N PHE B 323 -39.01 -6.06 -5.84
CA PHE B 323 -39.86 -6.93 -6.66
C PHE B 323 -39.80 -6.43 -8.09
N THR B 324 -38.76 -6.87 -8.79
CA THR B 324 -38.52 -6.42 -10.15
C THR B 324 -39.54 -7.02 -11.12
N CYS B 325 -39.73 -6.32 -12.24
CA CYS B 325 -40.60 -6.79 -13.32
C CYS B 325 -39.75 -7.44 -14.41
N ALA B 326 -40.44 -7.94 -15.44
CA ALA B 326 -39.74 -8.59 -16.56
C ALA B 326 -39.22 -7.61 -17.59
N THR B 327 -39.68 -6.36 -17.56
CA THR B 327 -39.27 -5.36 -18.54
C THR B 327 -38.87 -4.02 -17.93
N ASP B 328 -38.95 -3.88 -16.60
CA ASP B 328 -38.64 -2.61 -15.96
C ASP B 328 -37.15 -2.29 -16.09
N THR B 329 -36.85 -1.01 -16.36
CA THR B 329 -35.48 -0.53 -16.45
C THR B 329 -34.97 0.03 -15.13
N LYS B 330 -35.78 -0.01 -14.07
CA LYS B 330 -35.39 0.53 -12.78
C LYS B 330 -34.51 -0.42 -11.98
N ASN B 331 -34.26 -1.64 -12.49
CA ASN B 331 -33.40 -2.56 -11.77
C ASN B 331 -31.99 -2.01 -11.62
N VAL B 332 -31.42 -1.48 -12.70
CA VAL B 332 -30.09 -0.89 -12.61
C VAL B 332 -30.12 0.37 -11.76
N GLN B 333 -31.23 1.10 -11.78
CA GLN B 333 -31.38 2.23 -10.88
C GLN B 333 -31.40 1.77 -9.43
N PHE B 334 -32.06 0.65 -9.15
CA PHE B 334 -32.14 0.15 -7.79
C PHE B 334 -30.78 -0.30 -7.27
N VAL B 335 -30.03 -1.07 -8.08
CA VAL B 335 -28.73 -1.53 -7.64
C VAL B 335 -27.77 -0.36 -7.49
N PHE B 336 -27.98 0.71 -8.27
CA PHE B 336 -27.22 1.94 -8.04
C PHE B 336 -27.59 2.57 -6.71
N ASP B 337 -28.87 2.55 -6.36
CA ASP B 337 -29.32 3.14 -5.10
C ASP B 337 -28.93 2.30 -3.90
N ALA B 338 -28.49 1.06 -4.10
CA ALA B 338 -28.03 0.22 -3.00
C ALA B 338 -26.52 0.11 -2.90
N VAL B 339 -25.81 0.20 -4.02
CA VAL B 339 -24.35 0.19 -3.97
C VAL B 339 -23.82 1.49 -3.37
N THR B 340 -24.42 2.62 -3.73
CA THR B 340 -24.03 3.89 -3.13
C THR B 340 -24.20 3.88 -1.62
N ASP B 341 -25.21 3.16 -1.13
CA ASP B 341 -25.39 3.04 0.31
C ASP B 341 -24.23 2.26 0.94
N VAL B 342 -23.74 1.22 0.27
CA VAL B 342 -22.62 0.46 0.79
C VAL B 342 -21.37 1.31 0.84
N ILE B 343 -21.12 2.09 -0.22
CA ILE B 343 -19.93 2.94 -0.25
C ILE B 343 -19.98 3.98 0.85
N ILE B 344 -21.16 4.57 1.09
CA ILE B 344 -21.31 5.51 2.19
C ILE B 344 -21.04 4.82 3.52
N LYS B 345 -21.63 3.64 3.71
CA LYS B 345 -21.40 2.90 4.94
C LYS B 345 -19.95 2.44 5.06
N ASN B 346 -19.35 2.05 3.93
CA ASN B 346 -17.94 1.65 3.97
C ASN B 346 -17.03 2.82 4.31
N ASN B 347 -17.35 4.01 3.80
CA ASN B 347 -16.56 5.20 4.10
C ASN B 347 -16.83 5.75 5.50
N LEU B 348 -18.02 5.53 6.04
CA LEU B 348 -18.34 6.04 7.37
C LEU B 348 -17.48 5.36 8.44
N LYS B 349 -17.23 4.06 8.29
CA LYS B 349 -16.37 3.37 9.25
C LYS B 349 -14.95 3.90 9.19
N ASP B 350 -14.46 4.18 7.99
CA ASP B 350 -13.09 4.67 7.85
C ASP B 350 -12.93 6.06 8.46
N CYS B 351 -13.85 6.98 8.15
CA CYS B 351 -13.76 8.33 8.68
C CYS B 351 -13.97 8.38 10.18
N GLY B 352 -14.53 7.33 10.78
CA GLY B 352 -14.76 7.28 12.19
C GLY B 352 -16.13 7.75 12.65
N LEU B 353 -16.95 8.30 11.74
CA LEU B 353 -18.27 8.76 12.13
C LEU B 353 -19.13 7.61 12.62
N PHE B 354 -19.08 6.48 11.94
CA PHE B 354 -19.90 5.33 12.30
C PHE B 354 -19.03 4.13 12.66
N GLU C 8 -21.17 -59.13 -6.91
CA GLU C 8 -21.73 -57.83 -7.27
C GLU C 8 -20.79 -56.70 -6.91
N LEU C 9 -21.31 -55.48 -6.88
CA LEU C 9 -20.50 -54.32 -6.51
C LEU C 9 -20.01 -54.43 -5.08
N ASP C 10 -20.89 -54.85 -4.16
CA ASP C 10 -20.50 -54.97 -2.76
C ASP C 10 -19.40 -56.00 -2.57
N GLN C 11 -19.50 -57.15 -3.25
CA GLN C 11 -18.46 -58.16 -3.17
C GLN C 11 -17.14 -57.64 -3.73
N LEU C 12 -17.20 -56.94 -4.86
CA LEU C 12 -15.99 -56.33 -5.41
C LEU C 12 -15.46 -55.24 -4.51
N ARG C 13 -16.35 -54.41 -3.95
CA ARG C 13 -15.92 -53.38 -3.01
C ARG C 13 -15.37 -53.97 -1.73
N GLN C 14 -15.90 -55.12 -1.30
CA GLN C 14 -15.37 -55.77 -0.10
C GLN C 14 -13.92 -56.18 -0.30
N GLU C 15 -13.56 -56.62 -1.51
CA GLU C 15 -12.17 -56.93 -1.81
C GLU C 15 -11.30 -55.69 -1.66
N ALA C 16 -11.78 -54.54 -2.13
CA ALA C 16 -11.06 -53.30 -1.90
C ALA C 16 -11.07 -52.90 -0.43
N GLU C 17 -12.17 -53.18 0.28
CA GLU C 17 -12.23 -52.88 1.71
C GLU C 17 -11.19 -53.69 2.49
N GLN C 18 -11.07 -54.98 2.17
CA GLN C 18 -10.07 -55.80 2.85
C GLN C 18 -8.66 -55.53 2.31
N LEU C 19 -8.54 -54.97 1.11
CA LEU C 19 -7.23 -54.64 0.57
C LEU C 19 -6.55 -53.52 1.36
N LYS C 20 -7.35 -52.65 1.99
CA LYS C 20 -6.79 -51.61 2.83
C LYS C 20 -6.22 -52.16 4.13
N ASN C 21 -6.61 -53.38 4.51
CA ASN C 21 -6.23 -53.90 5.83
C ASN C 21 -4.74 -54.22 5.90
N GLN C 22 -4.20 -54.93 4.91
CA GLN C 22 -2.81 -55.36 4.99
C GLN C 22 -1.85 -54.18 5.00
N ILE C 23 -2.10 -53.19 4.14
CA ILE C 23 -1.23 -52.02 4.10
C ILE C 23 -1.37 -51.22 5.39
N ARG C 24 -2.59 -51.14 5.94
CA ARG C 24 -2.77 -50.50 7.24
C ARG C 24 -2.08 -51.31 8.34
N ASP C 25 -2.14 -52.64 8.26
CA ASP C 25 -1.43 -53.50 9.20
C ASP C 25 0.07 -53.47 8.99
N ALA C 26 0.53 -53.36 7.74
CA ALA C 26 1.96 -53.28 7.48
C ALA C 26 2.58 -52.03 8.11
N ARG C 27 1.86 -50.91 8.08
CA ARG C 27 2.36 -49.70 8.72
C ARG C 27 2.51 -49.90 10.22
N LYS C 28 1.54 -50.56 10.86
CA LYS C 28 1.66 -50.85 12.28
C LYS C 28 2.80 -51.82 12.56
N ALA C 29 2.98 -52.82 11.70
CA ALA C 29 4.08 -53.76 11.87
C ALA C 29 5.44 -53.10 11.66
N CYS C 30 5.51 -52.04 10.87
CA CYS C 30 6.76 -51.33 10.63
C CYS C 30 7.02 -50.21 11.61
N ALA C 31 6.07 -49.91 12.50
CA ALA C 31 6.22 -48.83 13.47
C ALA C 31 6.87 -49.36 14.74
N ASP C 32 8.16 -49.71 14.60
CA ASP C 32 8.89 -50.25 15.75
C ASP C 32 9.22 -49.17 16.77
N ALA C 33 9.65 -48.00 16.30
CA ALA C 33 10.01 -46.91 17.18
C ALA C 33 9.60 -45.59 16.56
N THR C 34 9.00 -44.72 17.36
CA THR C 34 8.52 -43.43 16.86
C THR C 34 9.68 -42.44 16.80
N LEU C 35 9.39 -41.24 16.27
CA LEU C 35 10.44 -40.26 16.06
C LEU C 35 10.92 -39.65 17.38
N SER C 36 9.99 -39.47 18.34
CA SER C 36 10.36 -38.81 19.59
C SER C 36 11.36 -39.65 20.39
N GLN C 37 11.14 -40.96 20.47
CA GLN C 37 11.96 -41.82 21.31
C GLN C 37 13.26 -42.27 20.65
N ILE C 38 13.49 -41.87 19.40
CA ILE C 38 14.77 -42.15 18.73
C ILE C 38 15.59 -40.88 18.67
N THR C 39 14.92 -39.72 18.72
CA THR C 39 15.57 -38.42 18.66
C THR C 39 15.39 -37.62 19.95
N ASN C 40 15.02 -38.28 21.05
CA ASN C 40 14.88 -37.58 22.31
C ASN C 40 16.21 -37.08 22.85
N ASN C 41 17.30 -37.76 22.51
CA ASN C 41 18.63 -37.37 22.96
C ASN C 41 19.31 -36.44 21.94
N ILE C 42 18.62 -35.35 21.64
CA ILE C 42 19.08 -34.37 20.67
C ILE C 42 19.11 -33.00 21.33
N ASP C 43 19.99 -32.15 20.83
CA ASP C 43 20.10 -30.79 21.36
C ASP C 43 18.96 -29.92 20.83
N PRO C 44 18.18 -29.28 21.70
CA PRO C 44 17.08 -28.44 21.21
C PRO C 44 17.60 -27.25 20.41
N VAL C 45 16.80 -26.84 19.43
CA VAL C 45 17.19 -25.72 18.58
C VAL C 45 17.07 -24.38 19.30
N GLY C 46 16.23 -24.29 20.32
CA GLY C 46 16.08 -23.05 21.06
C GLY C 46 15.20 -22.06 20.33
N ARG C 47 15.10 -20.87 20.92
CA ARG C 47 14.31 -19.79 20.34
C ARG C 47 15.02 -19.26 19.09
N ILE C 48 14.25 -19.08 18.01
CA ILE C 48 14.76 -18.55 16.76
C ILE C 48 13.94 -17.30 16.45
N GLN C 49 14.50 -16.13 16.74
CA GLN C 49 13.84 -14.86 16.50
C GLN C 49 14.30 -14.29 15.17
N MET C 50 13.34 -13.92 14.33
CA MET C 50 13.61 -13.38 12.99
C MET C 50 12.96 -12.02 12.86
N ARG C 51 13.65 -11.10 12.19
CA ARG C 51 13.18 -9.73 12.01
C ARG C 51 12.89 -9.45 10.55
N THR C 52 11.84 -8.68 10.29
CA THR C 52 11.45 -8.30 8.94
C THR C 52 12.53 -7.43 8.33
N ARG C 53 13.32 -8.01 7.41
CA ARG C 53 14.40 -7.25 6.80
C ARG C 53 13.89 -6.30 5.72
N ARG C 54 12.91 -6.72 4.92
CA ARG C 54 12.34 -5.87 3.89
C ARG C 54 10.82 -5.95 3.95
N THR C 55 10.19 -4.88 3.48
CA THR C 55 8.74 -4.86 3.29
C THR C 55 8.47 -4.38 1.87
N LEU C 56 7.75 -5.19 1.10
CA LEU C 56 7.54 -4.93 -0.32
C LEU C 56 6.09 -4.47 -0.49
N ARG C 57 5.91 -3.16 -0.62
CA ARG C 57 4.60 -2.54 -0.45
C ARG C 57 4.06 -1.96 -1.76
N GLY C 58 4.25 -2.70 -2.86
CA GLY C 58 3.80 -2.22 -4.15
C GLY C 58 2.35 -2.53 -4.47
N HIS C 59 1.84 -3.66 -3.98
CA HIS C 59 0.49 -4.07 -4.33
C HIS C 59 -0.54 -3.22 -3.60
N LEU C 60 -1.79 -3.35 -4.06
CA LEU C 60 -2.92 -2.66 -3.44
C LEU C 60 -4.08 -3.61 -3.16
N ALA C 61 -3.80 -4.91 -3.05
CA ALA C 61 -4.84 -5.89 -2.80
C ALA C 61 -4.22 -7.05 -2.03
N LYS C 62 -4.91 -8.19 -2.02
CA LYS C 62 -4.51 -9.34 -1.23
C LYS C 62 -3.48 -10.17 -1.97
N ILE C 63 -2.31 -10.37 -1.37
CA ILE C 63 -1.29 -11.22 -1.95
C ILE C 63 -1.75 -12.67 -1.85
N TYR C 64 -1.84 -13.35 -2.99
CA TYR C 64 -2.31 -14.73 -3.02
C TYR C 64 -1.22 -15.77 -3.18
N ALA C 65 -0.06 -15.39 -3.72
CA ALA C 65 1.01 -16.37 -3.92
C ALA C 65 2.32 -15.64 -4.17
N MET C 66 3.40 -16.41 -4.09
CA MET C 66 4.74 -15.92 -4.39
C MET C 66 5.63 -17.11 -4.66
N HIS C 67 6.79 -16.84 -5.25
CA HIS C 67 7.74 -17.91 -5.55
C HIS C 67 9.11 -17.30 -5.77
N TRP C 68 10.10 -17.79 -5.03
CA TRP C 68 11.48 -17.34 -5.21
C TRP C 68 12.05 -17.87 -6.51
N GLY C 69 13.00 -17.12 -7.06
CA GLY C 69 13.74 -17.60 -8.21
C GLY C 69 14.87 -18.52 -7.81
N THR C 70 15.48 -19.14 -8.82
CA THR C 70 16.65 -19.98 -8.56
C THR C 70 17.86 -19.16 -8.12
N ASP C 71 18.03 -17.95 -8.65
CA ASP C 71 19.12 -17.08 -8.24
C ASP C 71 18.94 -16.53 -6.83
N SER C 72 17.78 -16.75 -6.22
CA SER C 72 17.47 -16.37 -4.85
C SER C 72 17.39 -14.87 -4.64
N ARG C 73 17.37 -14.09 -5.71
CA ARG C 73 17.24 -12.64 -5.60
C ARG C 73 15.93 -12.12 -6.19
N LEU C 74 15.62 -12.50 -7.42
CA LEU C 74 14.35 -12.11 -8.02
C LEU C 74 13.20 -12.84 -7.34
N LEU C 75 12.05 -12.17 -7.29
CA LEU C 75 10.90 -12.70 -6.57
C LEU C 75 9.62 -12.27 -7.27
N VAL C 76 8.76 -13.22 -7.57
CA VAL C 76 7.48 -12.96 -8.22
C VAL C 76 6.37 -13.07 -7.18
N SER C 77 5.35 -12.23 -7.32
CA SER C 77 4.21 -12.27 -6.41
C SER C 77 2.99 -11.73 -7.12
N ALA C 78 1.86 -12.41 -6.94
CA ALA C 78 0.63 -12.07 -7.65
C ALA C 78 -0.49 -11.85 -6.65
N SER C 79 -1.19 -10.74 -6.80
CA SER C 79 -2.32 -10.38 -5.96
C SER C 79 -3.59 -10.36 -6.80
N GLN C 80 -4.72 -10.07 -6.14
CA GLN C 80 -6.02 -10.13 -6.80
C GLN C 80 -6.37 -8.86 -7.56
N ASP C 81 -5.51 -7.85 -7.53
CA ASP C 81 -5.76 -6.62 -8.26
C ASP C 81 -5.31 -6.70 -9.72
N GLY C 82 -5.15 -7.90 -10.25
CA GLY C 82 -4.74 -8.05 -11.64
C GLY C 82 -3.34 -7.57 -11.94
N LYS C 83 -2.41 -7.75 -10.99
CA LYS C 83 -1.02 -7.38 -11.20
C LYS C 83 -0.14 -8.53 -10.75
N LEU C 84 1.00 -8.68 -11.43
CA LEU C 84 1.99 -9.71 -11.10
C LEU C 84 3.35 -9.04 -11.18
N ILE C 85 3.86 -8.60 -10.03
CA ILE C 85 5.04 -7.76 -9.94
C ILE C 85 6.24 -8.64 -9.64
N ILE C 86 7.26 -8.56 -10.48
CA ILE C 86 8.52 -9.27 -10.25
C ILE C 86 9.41 -8.37 -9.43
N TRP C 87 9.56 -8.71 -8.15
CA TRP C 87 10.26 -7.86 -7.19
C TRP C 87 11.77 -7.99 -7.36
N ASP C 88 12.49 -7.43 -6.40
CA ASP C 88 13.94 -7.62 -6.27
C ASP C 88 14.23 -7.64 -4.78
N SER C 89 14.54 -8.82 -4.25
CA SER C 89 14.57 -8.98 -2.79
C SER C 89 15.62 -8.13 -2.13
N TYR C 90 16.82 -8.06 -2.72
CA TYR C 90 17.92 -7.34 -2.07
C TYR C 90 17.62 -5.86 -1.95
N THR C 91 17.41 -5.19 -3.08
CA THR C 91 16.99 -3.80 -3.11
C THR C 91 15.59 -3.72 -3.68
N THR C 92 14.69 -3.09 -2.93
CA THR C 92 13.27 -3.15 -3.27
C THR C 92 12.97 -2.37 -4.55
N ASN C 93 12.96 -3.07 -5.68
CA ASN C 93 12.64 -2.48 -6.97
C ASN C 93 11.73 -3.42 -7.72
N LYS C 94 10.75 -2.86 -8.43
CA LYS C 94 9.84 -3.65 -9.25
C LYS C 94 10.47 -3.79 -10.63
N VAL C 95 11.11 -4.94 -10.86
CA VAL C 95 11.76 -5.18 -12.16
C VAL C 95 10.71 -5.16 -13.28
N HIS C 96 9.59 -5.83 -13.06
CA HIS C 96 8.51 -5.88 -14.03
C HIS C 96 7.18 -5.70 -13.32
N ALA C 97 6.20 -5.15 -14.02
CA ALA C 97 4.83 -5.08 -13.55
C ALA C 97 3.95 -5.63 -14.66
N ILE C 98 3.53 -6.89 -14.51
CA ILE C 98 2.83 -7.62 -15.57
C ILE C 98 1.33 -7.48 -15.32
N PRO C 99 0.58 -6.86 -16.23
CA PRO C 99 -0.88 -6.75 -16.05
C PRO C 99 -1.57 -8.03 -16.52
N LEU C 100 -2.33 -8.65 -15.62
CA LEU C 100 -2.93 -9.94 -15.89
C LEU C 100 -4.25 -9.77 -16.65
N ARG C 101 -4.63 -10.82 -17.38
CA ARG C 101 -5.87 -10.80 -18.14
C ARG C 101 -7.08 -10.94 -17.24
N SER C 102 -6.93 -11.66 -16.12
CA SER C 102 -8.00 -11.88 -15.17
C SER C 102 -7.57 -11.41 -13.79
N SER C 103 -8.52 -10.84 -13.04
CA SER C 103 -8.18 -10.30 -11.72
C SER C 103 -7.97 -11.38 -10.67
N TRP C 104 -8.61 -12.54 -10.81
CA TRP C 104 -8.55 -13.60 -9.81
C TRP C 104 -7.38 -14.53 -10.15
N VAL C 105 -6.38 -14.56 -9.29
CA VAL C 105 -5.26 -15.48 -9.41
C VAL C 105 -4.99 -16.10 -8.05
N MET C 106 -4.75 -17.41 -8.04
CA MET C 106 -4.51 -18.13 -6.81
C MET C 106 -3.13 -18.76 -6.71
N THR C 107 -2.27 -18.59 -7.71
CA THR C 107 -0.93 -19.14 -7.64
C THR C 107 -0.03 -18.40 -8.61
N CYS C 108 1.27 -18.66 -8.48
CA CYS C 108 2.26 -18.19 -9.42
C CYS C 108 3.47 -19.10 -9.32
N ALA C 109 4.36 -18.98 -10.31
CA ALA C 109 5.57 -19.79 -10.31
C ALA C 109 6.66 -19.01 -11.05
N TYR C 110 7.91 -19.35 -10.76
CA TYR C 110 9.04 -18.71 -11.39
C TYR C 110 9.94 -19.79 -11.97
N ALA C 111 10.33 -19.62 -13.22
CA ALA C 111 11.05 -20.68 -13.91
C ALA C 111 12.42 -20.92 -13.29
N PRO C 112 12.89 -22.17 -13.28
CA PRO C 112 14.24 -22.43 -12.76
C PRO C 112 15.33 -21.68 -13.51
N SER C 113 15.18 -21.51 -14.82
CA SER C 113 16.14 -20.72 -15.58
C SER C 113 15.93 -19.22 -15.37
N GLY C 114 14.69 -18.80 -15.14
CA GLY C 114 14.37 -17.41 -14.96
C GLY C 114 13.77 -16.71 -16.16
N ASN C 115 13.50 -17.43 -17.24
CA ASN C 115 12.96 -16.82 -18.44
C ASN C 115 11.45 -16.66 -18.42
N TYR C 116 10.74 -17.47 -17.64
CA TYR C 116 9.28 -17.49 -17.65
C TYR C 116 8.74 -17.34 -16.24
N VAL C 117 7.54 -16.77 -16.14
CA VAL C 117 6.73 -16.82 -14.93
C VAL C 117 5.35 -17.28 -15.32
N ALA C 118 4.77 -18.17 -14.52
CA ALA C 118 3.46 -18.76 -14.82
C ALA C 118 2.50 -18.36 -13.72
N CYS C 119 1.33 -17.87 -14.10
CA CYS C 119 0.32 -17.49 -13.13
C CYS C 119 -0.97 -18.27 -13.38
N GLY C 120 -1.55 -18.77 -12.29
CA GLY C 120 -2.77 -19.55 -12.38
C GLY C 120 -4.00 -18.67 -12.45
N GLY C 121 -5.01 -18.98 -11.66
CA GLY C 121 -6.19 -18.15 -11.59
C GLY C 121 -7.44 -18.95 -11.31
N LEU C 122 -8.53 -18.23 -11.09
CA LEU C 122 -9.84 -18.81 -10.90
C LEU C 122 -10.58 -19.02 -12.23
N ASP C 123 -9.97 -18.61 -13.34
CA ASP C 123 -10.49 -18.89 -14.67
C ASP C 123 -9.77 -20.05 -15.34
N ASN C 124 -9.21 -20.96 -14.54
CA ASN C 124 -8.57 -22.22 -14.91
C ASN C 124 -7.83 -22.17 -16.24
N ILE C 125 -7.02 -21.14 -16.45
CA ILE C 125 -6.10 -21.06 -17.57
C ILE C 125 -4.74 -20.66 -17.01
N CYS C 126 -3.73 -21.46 -17.29
CA CYS C 126 -2.37 -21.20 -16.81
C CYS C 126 -1.65 -20.37 -17.86
N SER C 127 -1.58 -19.06 -17.63
CA SER C 127 -0.92 -18.15 -18.57
C SER C 127 0.56 -18.05 -18.22
N ILE C 128 1.41 -18.31 -19.22
CA ILE C 128 2.85 -18.37 -19.03
C ILE C 128 3.47 -17.17 -19.71
N TYR C 129 4.22 -16.37 -18.94
CA TYR C 129 4.78 -15.13 -19.43
C TYR C 129 6.24 -15.30 -19.81
N ASN C 130 6.73 -14.37 -20.62
CA ASN C 130 8.10 -14.36 -21.11
C ASN C 130 8.74 -13.04 -20.71
N LEU C 131 9.93 -13.11 -20.09
CA LEU C 131 10.58 -11.92 -19.58
C LEU C 131 11.79 -11.51 -20.41
N LYS C 132 12.77 -12.41 -20.57
CA LYS C 132 14.01 -12.09 -21.26
C LYS C 132 13.80 -12.27 -22.75
N THR C 133 13.25 -11.24 -23.38
CA THR C 133 12.89 -11.26 -24.78
C THR C 133 13.34 -9.97 -25.46
N ARG C 134 13.30 -9.99 -26.79
CA ARG C 134 13.49 -8.79 -27.58
C ARG C 134 12.28 -7.87 -27.39
N GLU C 135 12.49 -6.58 -27.64
CA GLU C 135 11.50 -5.51 -27.60
C GLU C 135 11.15 -5.07 -26.18
N GLY C 136 11.76 -5.65 -25.15
CA GLY C 136 11.59 -5.16 -23.80
C GLY C 136 10.21 -5.29 -23.22
N ASN C 137 9.33 -6.07 -23.84
CA ASN C 137 7.99 -6.28 -23.33
C ASN C 137 7.92 -7.58 -22.52
N VAL C 138 6.75 -7.83 -21.95
CA VAL C 138 6.46 -9.07 -21.23
C VAL C 138 5.13 -9.57 -21.77
N ARG C 139 5.18 -10.47 -22.75
CA ARG C 139 3.98 -10.97 -23.40
C ARG C 139 3.79 -12.45 -23.08
N VAL C 140 2.54 -12.89 -23.12
CA VAL C 140 2.22 -14.29 -22.84
C VAL C 140 2.87 -15.16 -23.92
N SER C 141 3.68 -16.13 -23.48
CA SER C 141 4.24 -17.08 -24.43
C SER C 141 3.22 -18.14 -24.81
N ARG C 142 2.34 -18.49 -23.89
CA ARG C 142 1.30 -19.47 -24.16
C ARG C 142 0.24 -19.41 -23.07
N GLU C 143 -0.98 -19.81 -23.42
CA GLU C 143 -2.07 -20.01 -22.47
C GLU C 143 -2.48 -21.46 -22.53
N LEU C 144 -2.40 -22.15 -21.39
CA LEU C 144 -2.61 -23.60 -21.35
C LEU C 144 -4.02 -23.88 -20.83
N ALA C 145 -4.97 -23.92 -21.75
CA ALA C 145 -6.33 -24.30 -21.41
C ALA C 145 -6.50 -25.80 -21.50
N GLY C 146 -7.53 -26.31 -20.81
CA GLY C 146 -7.81 -27.73 -20.82
C GLY C 146 -8.35 -28.25 -19.51
N HIS C 147 -8.20 -27.48 -18.43
CA HIS C 147 -8.79 -27.86 -17.16
C HIS C 147 -10.28 -27.54 -17.17
N THR C 148 -11.00 -28.12 -16.20
CA THR C 148 -12.44 -27.93 -16.11
C THR C 148 -12.90 -27.21 -14.84
N GLY C 149 -12.09 -27.18 -13.79
CA GLY C 149 -12.47 -26.47 -12.58
C GLY C 149 -11.78 -25.14 -12.46
N TYR C 150 -10.93 -25.00 -11.45
CA TYR C 150 -10.05 -23.86 -11.26
C TYR C 150 -8.63 -24.39 -11.04
N LEU C 151 -7.66 -23.49 -11.14
CA LEU C 151 -6.26 -23.87 -11.03
C LEU C 151 -5.70 -23.34 -9.71
N SER C 152 -4.98 -24.20 -9.00
CA SER C 152 -4.59 -23.94 -7.62
C SER C 152 -3.09 -23.73 -7.42
N CYS C 153 -2.25 -24.50 -8.08
CA CYS C 153 -0.81 -24.35 -7.94
C CYS C 153 -0.12 -25.04 -9.10
N CYS C 154 0.85 -24.36 -9.70
CA CYS C 154 1.56 -24.87 -10.88
C CYS C 154 3.05 -24.62 -10.69
N ARG C 155 3.87 -25.62 -11.02
CA ARG C 155 5.31 -25.52 -10.91
C ARG C 155 5.96 -25.98 -12.22
N PHE C 156 7.14 -25.44 -12.50
CA PHE C 156 7.92 -25.83 -13.67
C PHE C 156 8.89 -26.96 -13.33
N LEU C 157 8.91 -27.98 -14.19
CA LEU C 157 10.00 -28.94 -14.18
C LEU C 157 11.23 -28.35 -14.88
N ASP C 158 11.05 -27.85 -16.09
CA ASP C 158 12.04 -27.06 -16.80
C ASP C 158 11.30 -26.03 -17.65
N ASP C 159 12.01 -25.40 -18.58
CA ASP C 159 11.39 -24.37 -19.40
C ASP C 159 10.40 -24.94 -20.42
N ASN C 160 10.36 -26.26 -20.59
CA ASN C 160 9.45 -26.88 -21.55
C ASN C 160 8.40 -27.77 -20.90
N GLN C 161 8.34 -27.86 -19.58
CA GLN C 161 7.35 -28.67 -18.89
C GLN C 161 6.79 -27.91 -17.70
N ILE C 162 5.52 -28.17 -17.38
CA ILE C 162 4.88 -27.59 -16.22
C ILE C 162 3.85 -28.59 -15.69
N VAL C 163 3.74 -28.67 -14.37
CA VAL C 163 2.77 -29.53 -13.69
C VAL C 163 1.77 -28.64 -12.99
N THR C 164 0.49 -28.82 -13.30
CA THR C 164 -0.57 -27.97 -12.80
C THR C 164 -1.53 -28.79 -11.93
N SER C 165 -1.88 -28.24 -10.77
CA SER C 165 -3.00 -28.74 -10.00
C SER C 165 -4.29 -28.09 -10.50
N SER C 166 -5.42 -28.66 -10.09
CA SER C 166 -6.70 -28.18 -10.60
C SER C 166 -7.78 -28.42 -9.54
N GLY C 167 -9.01 -28.07 -9.90
CA GLY C 167 -10.13 -28.24 -9.00
C GLY C 167 -11.00 -29.42 -9.36
N ASP C 168 -10.66 -30.11 -10.45
CA ASP C 168 -11.37 -31.31 -10.87
C ASP C 168 -10.63 -32.58 -10.46
N THR C 169 -9.85 -32.49 -9.37
CA THR C 169 -9.14 -33.64 -8.81
C THR C 169 -8.19 -34.28 -9.82
N THR C 170 -7.58 -33.46 -10.67
CA THR C 170 -6.66 -33.94 -11.69
C THR C 170 -5.43 -33.05 -11.71
N CYS C 171 -4.25 -33.66 -11.73
CA CYS C 171 -3.00 -32.96 -11.98
C CYS C 171 -2.48 -33.34 -13.36
N ALA C 172 -2.18 -32.33 -14.18
CA ALA C 172 -1.75 -32.54 -15.55
C ALA C 172 -0.30 -32.12 -15.72
N LEU C 173 0.29 -32.56 -16.82
CA LEU C 173 1.68 -32.23 -17.15
C LEU C 173 1.70 -31.74 -18.60
N TRP C 174 1.91 -30.44 -18.78
CA TRP C 174 1.83 -29.83 -20.09
C TRP C 174 3.19 -29.82 -20.78
N ASP C 175 3.17 -29.47 -22.07
CA ASP C 175 4.35 -29.09 -22.82
C ASP C 175 4.17 -27.66 -23.29
N ILE C 176 5.29 -26.98 -23.53
CA ILE C 176 5.28 -25.54 -23.78
C ILE C 176 5.35 -25.23 -25.27
N GLU C 177 6.17 -25.96 -26.03
CA GLU C 177 6.23 -25.74 -27.47
C GLU C 177 4.88 -25.99 -28.12
N THR C 178 4.21 -27.05 -27.70
CA THR C 178 2.84 -27.32 -28.10
C THR C 178 1.88 -26.87 -27.00
N GLY C 179 0.59 -27.12 -27.23
CA GLY C 179 -0.43 -26.76 -26.27
C GLY C 179 -1.13 -27.91 -25.59
N GLN C 180 -0.88 -29.14 -26.00
CA GLN C 180 -1.59 -30.29 -25.45
C GLN C 180 -0.92 -30.80 -24.18
N GLN C 181 -1.59 -31.73 -23.52
CA GLN C 181 -1.08 -32.35 -22.31
C GLN C 181 -0.19 -33.55 -22.65
N THR C 182 0.49 -34.06 -21.63
CA THR C 182 1.29 -35.27 -21.74
C THR C 182 0.73 -36.42 -20.93
N THR C 183 0.53 -36.21 -19.62
CA THR C 183 -0.08 -37.20 -18.75
C THR C 183 -1.07 -36.50 -17.83
N THR C 184 -2.07 -37.25 -17.37
CA THR C 184 -3.09 -36.73 -16.47
C THR C 184 -3.08 -37.59 -15.20
N PHE C 185 -2.61 -37.00 -14.11
CA PHE C 185 -2.52 -37.71 -12.83
C PHE C 185 -3.89 -37.71 -12.17
N THR C 186 -4.67 -38.75 -12.45
CA THR C 186 -6.00 -38.90 -11.89
C THR C 186 -5.99 -39.97 -10.79
N GLY C 187 -6.98 -39.90 -9.92
CA GLY C 187 -7.09 -40.83 -8.82
C GLY C 187 -7.57 -40.20 -7.53
N HIS C 188 -7.68 -38.87 -7.53
CA HIS C 188 -8.14 -38.15 -6.35
C HIS C 188 -9.66 -38.19 -6.25
N THR C 189 -10.14 -37.99 -5.02
CA THR C 189 -11.56 -37.78 -4.76
C THR C 189 -11.87 -36.31 -4.50
N GLY C 190 -11.17 -35.69 -3.55
CA GLY C 190 -11.25 -34.26 -3.39
C GLY C 190 -10.25 -33.53 -4.25
N ASP C 191 -10.53 -32.25 -4.53
CA ASP C 191 -9.71 -31.49 -5.45
C ASP C 191 -8.38 -31.10 -4.80
N VAL C 192 -7.39 -30.87 -5.66
CA VAL C 192 -6.03 -30.57 -5.22
C VAL C 192 -5.91 -29.08 -4.93
N MET C 193 -5.24 -28.75 -3.82
CA MET C 193 -5.03 -27.36 -3.44
C MET C 193 -3.59 -26.89 -3.55
N SER C 194 -2.62 -27.79 -3.36
CA SER C 194 -1.21 -27.40 -3.48
C SER C 194 -0.37 -28.65 -3.69
N LEU C 195 0.76 -28.47 -4.36
CA LEU C 195 1.68 -29.56 -4.65
C LEU C 195 3.12 -29.06 -4.52
N SER C 196 4.06 -29.99 -4.59
CA SER C 196 5.48 -29.65 -4.57
C SER C 196 6.26 -30.69 -5.35
N LEU C 197 7.19 -30.22 -6.18
CA LEU C 197 8.08 -31.09 -6.94
C LEU C 197 9.29 -31.46 -6.10
N ALA C 198 9.73 -32.71 -6.24
CA ALA C 198 10.89 -33.17 -5.52
C ALA C 198 12.15 -32.49 -6.04
N PRO C 199 13.19 -32.41 -5.21
CA PRO C 199 14.45 -31.80 -5.68
C PRO C 199 15.00 -32.41 -6.95
N ASP C 200 14.88 -33.73 -7.13
CA ASP C 200 15.32 -34.37 -8.36
C ASP C 200 14.31 -34.22 -9.49
N THR C 201 13.15 -33.61 -9.21
CA THR C 201 12.13 -33.34 -10.22
C THR C 201 11.70 -34.62 -10.95
N ARG C 202 11.55 -35.70 -10.19
CA ARG C 202 11.04 -36.96 -10.73
C ARG C 202 9.75 -37.43 -10.08
N LEU C 203 9.50 -37.06 -8.83
CA LEU C 203 8.26 -37.36 -8.14
C LEU C 203 7.68 -36.07 -7.59
N PHE C 204 6.38 -36.06 -7.33
CA PHE C 204 5.75 -34.89 -6.74
C PHE C 204 4.46 -35.30 -6.04
N VAL C 205 4.20 -34.68 -4.90
CA VAL C 205 3.02 -34.98 -4.09
C VAL C 205 2.08 -33.79 -4.11
N SER C 206 0.79 -34.07 -4.03
CA SER C 206 -0.23 -33.04 -4.10
C SER C 206 -1.22 -33.23 -2.95
N GLY C 207 -1.47 -32.16 -2.20
CA GLY C 207 -2.36 -32.21 -1.07
C GLY C 207 -3.80 -31.87 -1.39
N ALA C 208 -4.65 -32.88 -1.42
CA ALA C 208 -6.02 -32.72 -1.89
C ALA C 208 -6.93 -32.26 -0.76
N CYS C 209 -8.25 -32.34 -0.99
CA CYS C 209 -9.26 -31.90 -0.04
C CYS C 209 -10.02 -33.08 0.57
N ASP C 210 -9.35 -34.22 0.73
CA ASP C 210 -9.97 -35.36 1.38
C ASP C 210 -9.02 -36.02 2.38
N ALA C 211 -8.13 -35.23 2.98
CA ALA C 211 -7.15 -35.73 3.94
C ALA C 211 -6.30 -36.84 3.34
N SER C 212 -5.84 -36.64 2.11
CA SER C 212 -5.01 -37.62 1.43
C SER C 212 -4.01 -36.91 0.52
N ALA C 213 -2.76 -37.36 0.58
CA ALA C 213 -1.70 -36.86 -0.29
C ALA C 213 -1.08 -38.05 -1.02
N LYS C 214 -0.93 -37.92 -2.33
CA LYS C 214 -0.47 -39.01 -3.18
C LYS C 214 0.91 -38.71 -3.72
N LEU C 215 1.72 -39.75 -3.87
CA LEU C 215 3.06 -39.65 -4.45
C LEU C 215 3.01 -40.13 -5.89
N TRP C 216 2.97 -39.19 -6.83
CA TRP C 216 2.93 -39.50 -8.25
C TRP C 216 4.34 -39.62 -8.80
N ASP C 217 4.42 -40.05 -10.06
CA ASP C 217 5.67 -40.01 -10.81
C ASP C 217 5.39 -39.43 -12.19
N VAL C 218 6.38 -38.71 -12.72
CA VAL C 218 6.19 -38.00 -13.98
C VAL C 218 6.47 -38.87 -15.21
N ARG C 219 6.97 -40.08 -15.02
CA ARG C 219 7.29 -40.94 -16.16
C ARG C 219 6.04 -41.67 -16.67
N GLU C 220 5.44 -42.51 -15.84
CA GLU C 220 4.32 -43.33 -16.30
C GLU C 220 2.99 -42.60 -16.15
N GLY C 221 2.78 -41.92 -15.02
CA GLY C 221 1.60 -41.11 -14.84
C GLY C 221 0.53 -41.69 -13.94
N MET C 222 0.95 -42.38 -12.88
CA MET C 222 0.02 -42.94 -11.92
C MET C 222 0.64 -42.93 -10.52
N CYS C 223 -0.22 -42.90 -9.51
CA CYS C 223 0.22 -42.75 -8.13
C CYS C 223 1.00 -43.97 -7.67
N ARG C 224 1.95 -43.74 -6.75
CA ARG C 224 2.75 -44.79 -6.15
C ARG C 224 2.34 -45.10 -4.71
N GLN C 225 2.25 -44.07 -3.87
CA GLN C 225 1.85 -44.24 -2.48
C GLN C 225 0.82 -43.18 -2.12
N THR C 226 -0.16 -43.58 -1.33
CA THR C 226 -1.18 -42.67 -0.81
C THR C 226 -1.11 -42.67 0.71
N PHE C 227 -1.28 -41.48 1.30
CA PHE C 227 -1.15 -41.29 2.73
C PHE C 227 -2.45 -40.73 3.29
N THR C 228 -2.99 -41.37 4.32
CA THR C 228 -4.25 -40.98 4.95
C THR C 228 -4.02 -40.91 6.46
N GLY C 229 -3.58 -39.74 6.93
CA GLY C 229 -3.38 -39.54 8.35
C GLY C 229 -4.13 -38.33 8.88
N HIS C 230 -4.48 -37.42 7.97
CA HIS C 230 -5.19 -36.21 8.35
C HIS C 230 -6.68 -36.49 8.52
N GLU C 231 -7.39 -35.54 9.11
CA GLU C 231 -8.83 -35.62 9.30
C GLU C 231 -9.60 -34.68 8.39
N SER C 232 -9.18 -33.43 8.28
CA SER C 232 -9.80 -32.47 7.39
C SER C 232 -8.93 -32.33 6.13
N ASP C 233 -9.31 -31.37 5.28
CA ASP C 233 -8.60 -31.18 4.03
C ASP C 233 -7.19 -30.67 4.26
N ILE C 234 -6.25 -31.19 3.46
CA ILE C 234 -4.87 -30.73 3.47
C ILE C 234 -4.79 -29.47 2.62
N ASN C 235 -4.32 -28.38 3.22
CA ASN C 235 -4.34 -27.08 2.55
C ASN C 235 -2.96 -26.63 2.09
N ALA C 236 -1.91 -27.36 2.42
CA ALA C 236 -0.56 -27.03 1.95
C ALA C 236 0.31 -28.26 2.06
N ILE C 237 1.43 -28.23 1.34
CA ILE C 237 2.33 -29.38 1.29
C ILE C 237 3.68 -28.95 0.73
N CYS C 238 4.75 -29.64 1.13
CA CYS C 238 6.10 -29.32 0.68
C CYS C 238 7.01 -30.50 0.96
N PHE C 239 7.98 -30.72 0.07
CA PHE C 239 8.96 -31.79 0.21
C PHE C 239 10.04 -31.45 1.23
N PHE C 240 10.65 -32.50 1.76
CA PHE C 240 11.88 -32.37 2.52
C PHE C 240 13.03 -31.99 1.57
N PRO C 241 14.02 -31.24 2.06
CA PRO C 241 15.12 -30.80 1.17
C PRO C 241 15.96 -31.94 0.60
N ASN C 242 15.69 -33.18 0.98
CA ASN C 242 16.41 -34.32 0.43
C ASN C 242 15.53 -35.21 -0.43
N GLY C 243 14.27 -34.84 -0.65
CA GLY C 243 13.40 -35.65 -1.48
C GLY C 243 12.99 -36.97 -0.89
N ASN C 244 13.08 -37.12 0.43
CA ASN C 244 12.77 -38.38 1.11
C ASN C 244 11.59 -38.27 2.05
N ALA C 245 10.98 -37.09 2.18
CA ALA C 245 9.83 -36.90 3.06
C ALA C 245 9.11 -35.64 2.64
N PHE C 246 7.90 -35.46 3.16
CA PHE C 246 7.11 -34.28 2.85
C PHE C 246 6.13 -34.02 3.98
N ALA C 247 5.87 -32.74 4.25
CA ALA C 247 5.04 -32.33 5.37
C ALA C 247 3.76 -31.69 4.85
N THR C 248 2.67 -31.93 5.57
CA THR C 248 1.36 -31.43 5.18
C THR C 248 0.75 -30.59 6.30
N GLY C 249 0.31 -29.39 5.95
CA GLY C 249 -0.46 -28.57 6.87
C GLY C 249 -1.92 -28.53 6.45
N SER C 250 -2.82 -28.85 7.35
CA SER C 250 -4.24 -28.98 7.03
C SER C 250 -5.06 -27.98 7.82
N ASP C 251 -6.37 -28.03 7.62
CA ASP C 251 -7.30 -27.15 8.31
C ASP C 251 -7.41 -27.46 9.80
N ASP C 252 -6.85 -28.59 10.25
CA ASP C 252 -6.89 -28.99 11.65
C ASP C 252 -5.74 -28.43 12.46
N ALA C 253 -4.98 -27.49 11.89
CA ALA C 253 -3.87 -26.83 12.58
C ALA C 253 -2.77 -27.82 12.99
N THR C 254 -2.64 -28.92 12.25
CA THR C 254 -1.62 -29.92 12.52
C THR C 254 -0.70 -30.03 11.31
N CYS C 255 0.61 -29.85 11.53
CA CYS C 255 1.60 -29.98 10.48
C CYS C 255 2.17 -31.39 10.53
N ARG C 256 1.52 -32.32 9.83
CA ARG C 256 1.86 -33.73 9.89
C ARG C 256 2.92 -34.03 8.85
N LEU C 257 4.05 -34.58 9.30
CA LEU C 257 5.19 -34.90 8.43
C LEU C 257 5.18 -36.39 8.11
N PHE C 258 5.20 -36.71 6.82
CA PHE C 258 5.21 -38.08 6.34
C PHE C 258 6.61 -38.47 5.88
N ASP C 259 6.73 -39.66 5.31
CA ASP C 259 7.95 -40.09 4.64
C ASP C 259 7.56 -40.95 3.44
N LEU C 260 8.55 -41.26 2.61
CA LEU C 260 8.28 -41.94 1.35
C LEU C 260 8.80 -43.37 1.28
N ARG C 261 9.64 -43.79 2.22
CA ARG C 261 10.17 -45.15 2.21
C ARG C 261 9.46 -46.08 3.19
N ALA C 262 8.83 -45.55 4.23
CA ALA C 262 8.02 -46.35 5.14
C ALA C 262 6.53 -46.25 4.85
N ASP C 263 6.10 -45.22 4.14
CA ASP C 263 4.71 -45.02 3.71
C ASP C 263 3.81 -45.02 4.95
N GLN C 264 4.04 -44.03 5.82
CA GLN C 264 3.20 -43.82 6.98
C GLN C 264 3.51 -42.43 7.56
N GLU C 265 2.66 -42.00 8.48
CA GLU C 265 2.82 -40.72 9.15
C GLU C 265 3.93 -40.81 10.19
N LEU C 266 4.86 -39.86 10.14
CA LEU C 266 5.94 -39.84 11.13
C LEU C 266 5.48 -39.17 12.42
N MET C 267 5.16 -37.87 12.35
CA MET C 267 4.77 -37.12 13.53
C MET C 267 3.80 -36.01 13.15
N THR C 268 3.12 -35.49 14.17
CA THR C 268 2.20 -34.38 14.05
C THR C 268 2.62 -33.27 14.99
N TYR C 269 2.50 -32.03 14.52
CA TYR C 269 2.86 -30.85 15.31
C TYR C 269 1.61 -30.03 15.54
N SER C 270 0.98 -30.21 16.70
CA SER C 270 -0.22 -29.48 17.07
C SER C 270 -0.05 -28.92 18.47
N HIS C 271 -0.62 -27.73 18.68
CA HIS C 271 -0.57 -27.06 19.97
C HIS C 271 -1.97 -26.71 20.41
N ASP C 272 -2.18 -26.69 21.74
CA ASP C 272 -3.49 -26.41 22.29
C ASP C 272 -3.96 -24.99 22.00
N ASN C 273 -3.05 -24.03 21.96
CA ASN C 273 -3.42 -22.63 21.77
C ASN C 273 -3.89 -22.32 20.36
N ILE C 274 -3.39 -23.06 19.36
CA ILE C 274 -3.74 -22.81 17.96
C ILE C 274 -4.91 -23.69 17.58
N ILE C 275 -5.95 -23.09 17.01
CA ILE C 275 -7.11 -23.81 16.51
C ILE C 275 -7.30 -23.43 15.04
N CYS C 276 -6.81 -22.26 14.68
CA CYS C 276 -6.99 -21.74 13.33
C CYS C 276 -6.21 -22.58 12.31
N GLY C 277 -6.66 -22.53 11.06
CA GLY C 277 -6.16 -23.42 10.04
C GLY C 277 -4.75 -23.09 9.58
N ILE C 278 -4.36 -23.72 8.46
CA ILE C 278 -3.03 -23.60 7.89
C ILE C 278 -3.16 -23.20 6.44
N THR C 279 -2.35 -22.23 6.01
CA THR C 279 -2.40 -21.74 4.65
C THR C 279 -1.22 -22.14 3.79
N SER C 280 -0.03 -22.30 4.36
CA SER C 280 1.14 -22.69 3.58
C SER C 280 2.22 -23.22 4.50
N VAL C 281 2.80 -24.37 4.13
CA VAL C 281 3.89 -25.00 4.86
C VAL C 281 5.07 -25.13 3.93
N SER C 282 6.23 -24.66 4.37
CA SER C 282 7.44 -24.75 3.55
C SER C 282 8.63 -25.03 4.44
N PHE C 283 9.35 -26.11 4.15
CA PHE C 283 10.54 -26.46 4.91
C PHE C 283 11.63 -25.41 4.71
N SER C 284 12.49 -25.26 5.71
CA SER C 284 13.72 -24.50 5.54
C SER C 284 14.82 -25.41 5.02
N LYS C 285 15.97 -24.80 4.72
CA LYS C 285 17.12 -25.57 4.29
C LYS C 285 17.60 -26.48 5.41
N SER C 286 18.11 -27.65 5.04
CA SER C 286 18.56 -28.73 5.91
C SER C 286 17.40 -29.44 6.60
N GLY C 287 16.16 -29.08 6.32
CA GLY C 287 15.02 -29.81 6.84
C GLY C 287 14.91 -29.85 8.35
N ARG C 288 15.16 -28.71 9.00
CA ARG C 288 15.09 -28.63 10.46
C ARG C 288 14.05 -27.64 10.96
N LEU C 289 13.75 -26.60 10.19
CA LEU C 289 12.81 -25.57 10.61
C LEU C 289 11.59 -25.68 9.71
N LEU C 290 10.53 -26.31 10.21
CA LEU C 290 9.31 -26.50 9.43
C LEU C 290 8.45 -25.26 9.64
N LEU C 291 8.73 -24.22 8.86
CA LEU C 291 7.97 -22.99 8.96
C LEU C 291 6.59 -23.19 8.37
N ALA C 292 5.56 -22.80 9.12
CA ALA C 292 4.18 -22.97 8.69
C ALA C 292 3.46 -21.64 8.83
N GLY C 293 2.60 -21.34 7.87
CA GLY C 293 1.87 -20.09 7.91
C GLY C 293 0.41 -20.26 8.28
N TYR C 294 0.07 -20.01 9.53
CA TYR C 294 -1.31 -20.14 9.95
C TYR C 294 -2.11 -18.93 9.51
N ASP C 295 -3.43 -19.06 9.59
CA ASP C 295 -4.34 -17.99 9.22
C ASP C 295 -4.88 -17.24 10.42
N ASP C 296 -4.26 -17.40 11.60
CA ASP C 296 -4.57 -16.58 12.77
C ASP C 296 -3.70 -15.33 12.84
N PHE C 297 -3.26 -14.83 11.70
CA PHE C 297 -2.40 -13.67 11.49
C PHE C 297 -0.94 -13.97 11.82
N ASN C 298 -0.62 -15.16 12.32
CA ASN C 298 0.72 -15.50 12.75
C ASN C 298 1.38 -16.42 11.73
N CYS C 299 2.64 -16.77 12.01
CA CYS C 299 3.38 -17.73 11.18
C CYS C 299 4.37 -18.43 12.12
N ASN C 300 3.97 -19.59 12.62
CA ASN C 300 4.76 -20.28 13.62
C ASN C 300 5.94 -20.99 12.96
N VAL C 301 6.88 -21.43 13.79
CA VAL C 301 8.10 -22.09 13.34
C VAL C 301 8.26 -23.37 14.15
N TRP C 302 8.04 -24.51 13.51
CA TRP C 302 8.12 -25.80 14.16
C TRP C 302 9.44 -26.48 13.85
N ASP C 303 10.01 -27.13 14.86
CA ASP C 303 11.15 -28.01 14.64
C ASP C 303 10.70 -29.27 13.94
N ALA C 304 11.48 -29.72 12.95
CA ALA C 304 11.07 -30.85 12.14
C ALA C 304 11.30 -32.20 12.80
N LEU C 305 12.14 -32.26 13.83
CA LEU C 305 12.40 -33.52 14.53
C LEU C 305 11.82 -33.57 15.93
N LYS C 306 11.69 -32.42 16.60
CA LYS C 306 11.07 -32.35 17.92
C LYS C 306 9.80 -31.52 17.81
N ALA C 307 8.82 -31.88 18.63
CA ALA C 307 7.53 -31.18 18.60
C ALA C 307 7.61 -29.76 19.15
N ASP C 308 8.73 -29.37 19.76
CA ASP C 308 8.82 -28.07 20.40
C ASP C 308 8.72 -26.95 19.36
N ARG C 309 8.25 -25.80 19.82
CA ARG C 309 8.04 -24.65 18.97
C ARG C 309 9.31 -23.79 18.92
N ALA C 310 9.21 -22.63 18.28
CA ALA C 310 10.30 -21.68 18.21
C ALA C 310 9.70 -20.29 18.05
N GLY C 311 10.52 -19.33 17.62
CA GLY C 311 10.07 -17.98 17.43
C GLY C 311 8.97 -17.83 16.40
N VAL C 312 7.87 -17.20 16.79
CA VAL C 312 6.75 -16.98 15.89
C VAL C 312 7.06 -15.77 15.01
N LEU C 313 6.89 -15.93 13.70
CA LEU C 313 7.14 -14.85 12.75
C LEU C 313 5.89 -14.01 12.56
N ALA C 314 5.43 -13.41 13.65
CA ALA C 314 4.24 -12.59 13.64
C ALA C 314 4.58 -11.16 13.20
N GLY C 315 3.55 -10.42 12.81
CA GLY C 315 3.73 -9.06 12.37
C GLY C 315 2.79 -8.65 11.25
N HIS C 316 2.05 -9.62 10.71
CA HIS C 316 1.11 -9.36 9.63
C HIS C 316 -0.25 -8.97 10.19
N ASP C 317 -0.94 -8.09 9.47
CA ASP C 317 -2.24 -7.59 9.91
C ASP C 317 -3.41 -8.39 9.38
N ASN C 318 -3.16 -9.48 8.65
CA ASN C 318 -4.22 -10.31 8.11
C ASN C 318 -3.68 -11.73 7.99
N ARG C 319 -4.36 -12.57 7.22
CA ARG C 319 -3.91 -13.94 6.98
C ARG C 319 -2.52 -13.93 6.37
N VAL C 320 -1.82 -15.05 6.50
CA VAL C 320 -0.54 -15.26 5.84
C VAL C 320 -0.77 -16.26 4.73
N SER C 321 -0.80 -15.78 3.49
CA SER C 321 -1.28 -16.58 2.36
C SER C 321 -0.24 -17.59 1.88
N CYS C 322 1.00 -17.16 1.67
CA CYS C 322 2.01 -18.07 1.16
C CYS C 322 3.38 -17.71 1.74
N LEU C 323 4.18 -18.74 1.97
CA LEU C 323 5.58 -18.62 2.39
C LEU C 323 6.50 -19.02 1.24
N GLY C 324 7.79 -19.03 1.55
CA GLY C 324 8.81 -19.49 0.63
C GLY C 324 10.18 -19.32 1.22
N VAL C 325 11.02 -20.35 1.12
CA VAL C 325 12.38 -20.32 1.64
C VAL C 325 13.32 -20.36 0.46
N THR C 326 14.25 -19.40 0.40
CA THR C 326 15.16 -19.30 -0.74
C THR C 326 15.96 -20.59 -0.91
N ASP C 327 16.43 -20.81 -2.14
CA ASP C 327 17.07 -22.08 -2.46
C ASP C 327 18.33 -22.30 -1.63
N ASP C 328 19.14 -21.26 -1.42
CA ASP C 328 20.33 -21.37 -0.60
C ASP C 328 20.10 -20.92 0.84
N GLY C 329 18.89 -20.45 1.17
CA GLY C 329 18.40 -20.51 2.53
C GLY C 329 18.67 -19.34 3.45
N MET C 330 18.87 -18.13 2.93
CA MET C 330 18.97 -17.00 3.85
C MET C 330 17.59 -16.53 4.30
N ALA C 331 16.73 -16.16 3.35
CA ALA C 331 15.51 -15.44 3.65
C ALA C 331 14.29 -16.35 3.60
N VAL C 332 13.22 -15.90 4.25
CA VAL C 332 11.94 -16.60 4.27
C VAL C 332 10.86 -15.55 3.99
N ALA C 333 10.46 -15.42 2.74
CA ALA C 333 9.50 -14.39 2.37
C ALA C 333 8.08 -14.90 2.55
N THR C 334 7.24 -14.10 3.20
CA THR C 334 5.85 -14.45 3.47
C THR C 334 4.95 -13.37 2.89
N GLY C 335 3.90 -13.79 2.19
CA GLY C 335 2.96 -12.85 1.62
C GLY C 335 1.59 -12.89 2.28
N SER C 336 1.27 -11.86 3.05
CA SER C 336 0.00 -11.80 3.76
C SER C 336 -1.09 -11.17 2.89
N TRP C 337 -2.33 -11.25 3.35
CA TRP C 337 -3.43 -10.64 2.58
C TRP C 337 -3.46 -9.12 2.68
N ASP C 338 -2.76 -8.52 3.64
CA ASP C 338 -2.48 -7.11 3.44
C ASP C 338 -1.46 -6.96 2.31
N SER C 339 -1.44 -5.81 1.70
CA SER C 339 -0.72 -5.79 0.43
C SER C 339 0.80 -5.82 0.57
N PHE C 340 1.36 -6.17 1.71
CA PHE C 340 2.79 -6.11 1.93
C PHE C 340 3.38 -7.51 2.02
N LEU C 341 4.48 -7.74 1.32
CA LEU C 341 5.33 -8.89 1.54
C LEU C 341 6.37 -8.55 2.60
N LYS C 342 6.82 -9.56 3.33
CA LYS C 342 7.81 -9.38 4.37
C LYS C 342 8.88 -10.44 4.21
N ILE C 343 10.09 -10.02 3.81
CA ILE C 343 11.18 -10.94 3.55
C ILE C 343 11.95 -11.10 4.86
N TRP C 344 11.52 -12.07 5.67
CA TRP C 344 12.19 -12.33 6.94
C TRP C 344 13.56 -12.95 6.71
N ASN C 345 14.34 -13.02 7.77
CA ASN C 345 15.69 -13.57 7.69
C ASN C 345 16.20 -13.97 9.07
N ALA D 7 -21.40 -50.55 -16.02
CA ALA D 7 -21.91 -49.22 -15.67
C ALA D 7 -21.05 -48.59 -14.57
N SER D 8 -21.68 -48.25 -13.44
CA SER D 8 -20.96 -47.64 -12.34
C SER D 8 -19.97 -48.61 -11.70
N ILE D 9 -20.13 -49.91 -11.91
CA ILE D 9 -19.19 -50.88 -11.35
C ILE D 9 -17.82 -50.72 -11.98
N ALA D 10 -17.74 -50.22 -13.22
CA ALA D 10 -16.46 -50.01 -13.87
C ALA D 10 -15.63 -48.97 -13.13
N GLN D 11 -16.27 -47.92 -12.63
CA GLN D 11 -15.56 -46.92 -11.85
C GLN D 11 -14.95 -47.53 -10.59
N ALA D 12 -15.71 -48.38 -9.89
CA ALA D 12 -15.19 -49.07 -8.72
C ALA D 12 -14.30 -50.25 -9.09
N ARG D 13 -14.39 -50.74 -10.34
CA ARG D 13 -13.57 -51.87 -10.74
C ARG D 13 -12.09 -51.52 -10.76
N LYS D 14 -11.74 -50.36 -11.32
CA LYS D 14 -10.34 -49.98 -11.49
C LYS D 14 -9.62 -49.69 -10.17
N LEU D 15 -10.36 -49.58 -9.06
CA LEU D 15 -9.73 -49.23 -7.79
C LEU D 15 -8.94 -50.41 -7.23
N VAL D 16 -9.49 -51.62 -7.32
CA VAL D 16 -8.89 -52.76 -6.62
C VAL D 16 -7.54 -53.14 -7.24
N GLU D 17 -7.45 -53.17 -8.57
CA GLU D 17 -6.18 -53.49 -9.20
C GLU D 17 -5.14 -52.41 -8.92
N GLN D 18 -5.55 -51.14 -8.96
CA GLN D 18 -4.63 -50.05 -8.63
C GLN D 18 -4.16 -50.16 -7.19
N LEU D 19 -5.09 -50.44 -6.26
CA LEU D 19 -4.72 -50.53 -4.85
C LEU D 19 -3.83 -51.73 -4.56
N LYS D 20 -3.78 -52.71 -5.46
CA LYS D 20 -2.92 -53.88 -5.24
C LYS D 20 -1.45 -53.51 -5.27
N MET D 21 -1.08 -52.49 -6.07
CA MET D 21 0.31 -52.11 -6.17
C MET D 21 0.83 -51.48 -4.88
N GLU D 22 -0.05 -50.76 -4.16
CA GLU D 22 0.33 -50.22 -2.86
C GLU D 22 0.63 -51.32 -1.84
N ALA D 23 0.13 -52.54 -2.06
CA ALA D 23 0.42 -53.66 -1.18
C ALA D 23 1.70 -54.39 -1.58
N ASN D 24 2.30 -54.06 -2.73
CA ASN D 24 3.51 -54.72 -3.17
C ASN D 24 4.78 -53.90 -2.94
N ILE D 25 4.64 -52.60 -2.68
CA ILE D 25 5.82 -51.77 -2.45
C ILE D 25 6.43 -52.11 -1.11
N ASP D 26 7.74 -52.33 -1.10
CA ASP D 26 8.43 -52.66 0.14
C ASP D 26 8.53 -51.43 1.04
N ARG D 27 8.39 -51.65 2.34
CA ARG D 27 8.49 -50.59 3.34
C ARG D 27 9.56 -50.96 4.34
N ILE D 28 10.53 -50.07 4.53
CA ILE D 28 11.57 -50.25 5.53
C ILE D 28 11.02 -49.84 6.88
N LYS D 29 11.70 -50.23 7.96
CA LYS D 29 11.25 -49.87 9.30
C LYS D 29 11.32 -48.37 9.48
N VAL D 30 10.36 -47.83 10.24
CA VAL D 30 10.32 -46.39 10.46
C VAL D 30 11.54 -45.92 11.26
N SER D 31 12.11 -46.80 12.08
CA SER D 31 13.32 -46.43 12.83
C SER D 31 14.48 -46.14 11.89
N LYS D 32 14.64 -46.95 10.85
CA LYS D 32 15.70 -46.69 9.87
C LYS D 32 15.45 -45.38 9.13
N ALA D 33 14.20 -45.12 8.75
CA ALA D 33 13.87 -43.87 8.09
C ALA D 33 14.15 -42.67 9.00
N ALA D 34 13.77 -42.79 10.28
CA ALA D 34 14.03 -41.71 11.23
C ALA D 34 15.53 -41.50 11.44
N ALA D 35 16.31 -42.58 11.44
CA ALA D 35 17.75 -42.44 11.62
C ALA D 35 18.37 -41.64 10.48
N ASP D 36 17.96 -41.92 9.24
CA ASP D 36 18.45 -41.14 8.11
C ASP D 36 17.88 -39.72 8.12
N LEU D 37 16.64 -39.56 8.57
CA LEU D 37 16.02 -38.24 8.57
C LEU D 37 16.69 -37.30 9.56
N MET D 38 17.20 -37.82 10.67
CA MET D 38 17.93 -37.00 11.64
C MET D 38 19.41 -36.89 11.32
N ALA D 39 20.00 -37.90 10.69
CA ALA D 39 21.41 -37.82 10.33
C ALA D 39 21.63 -36.89 9.16
N TYR D 40 20.63 -36.76 8.27
CA TYR D 40 20.73 -35.80 7.17
C TYR D 40 20.79 -34.37 7.69
N CYS D 41 19.97 -34.06 8.70
CA CYS D 41 19.91 -32.69 9.20
C CYS D 41 21.22 -32.26 9.83
N GLU D 42 21.83 -33.13 10.64
CA GLU D 42 23.07 -32.74 11.32
C GLU D 42 24.22 -32.55 10.34
N ALA D 43 24.23 -33.33 9.25
CA ALA D 43 25.27 -33.14 8.24
C ALA D 43 25.16 -31.78 7.58
N HIS D 44 23.94 -31.33 7.30
CA HIS D 44 23.69 -30.05 6.66
C HIS D 44 23.40 -28.94 7.66
N ALA D 45 23.50 -29.22 8.96
CA ALA D 45 23.24 -28.20 9.97
C ALA D 45 24.22 -27.05 9.88
N LYS D 46 25.44 -27.31 9.38
CA LYS D 46 26.44 -26.26 9.24
C LYS D 46 26.23 -25.42 7.98
N GLU D 47 25.37 -25.85 7.05
CA GLU D 47 25.15 -25.13 5.81
C GLU D 47 23.76 -24.50 5.74
N ASP D 48 23.07 -24.40 6.87
CA ASP D 48 21.77 -23.73 6.92
C ASP D 48 21.89 -22.46 7.76
N PRO D 49 21.76 -21.27 7.18
CA PRO D 49 21.93 -20.04 7.97
C PRO D 49 20.70 -19.64 8.76
N LEU D 50 19.60 -20.40 8.69
CA LEU D 50 18.48 -20.15 9.58
C LEU D 50 18.64 -20.82 10.93
N LEU D 51 19.58 -21.76 11.06
CA LEU D 51 19.88 -22.36 12.36
C LEU D 51 20.72 -21.41 13.20
N THR D 52 21.93 -21.09 12.71
CA THR D 52 22.82 -20.16 13.39
C THR D 52 22.79 -18.83 12.66
N PRO D 53 22.30 -17.75 13.26
CA PRO D 53 22.26 -16.47 12.57
C PRO D 53 23.65 -16.01 12.17
N VAL D 54 23.73 -15.39 10.99
CA VAL D 54 25.01 -14.98 10.41
C VAL D 54 25.21 -13.49 10.65
N PRO D 55 26.45 -13.03 10.76
CA PRO D 55 26.70 -11.59 10.94
C PRO D 55 26.31 -10.80 9.70
N ALA D 56 26.37 -9.49 9.84
CA ALA D 56 25.98 -8.59 8.76
C ALA D 56 26.90 -8.66 7.56
N SER D 57 28.09 -9.27 7.70
CA SER D 57 29.04 -9.32 6.60
C SER D 57 28.52 -10.19 5.46
N GLU D 58 28.28 -11.47 5.72
CA GLU D 58 27.83 -12.39 4.69
C GLU D 58 26.31 -12.38 4.51
N ASN D 59 25.58 -11.66 5.35
CA ASN D 59 24.14 -11.54 5.18
C ASN D 59 23.83 -10.55 4.07
N PRO D 60 23.16 -10.95 2.98
CA PRO D 60 22.88 -10.00 1.90
C PRO D 60 21.75 -9.04 2.22
N PHE D 61 20.79 -9.50 3.03
CA PHE D 61 19.71 -8.64 3.49
C PHE D 61 20.17 -7.87 4.73
N ARG D 62 21.10 -6.93 4.49
CA ARG D 62 21.76 -6.24 5.57
C ARG D 62 20.80 -5.39 6.38
N GLU D 63 19.93 -4.64 5.71
CA GLU D 63 19.03 -3.72 6.39
C GLU D 63 17.61 -3.79 5.83
N VAL E 2 12.78 -5.47 -35.46
CA VAL E 2 13.31 -4.34 -34.69
C VAL E 2 14.40 -3.63 -35.48
N GLN E 3 14.32 -2.30 -35.52
CA GLN E 3 15.31 -1.50 -36.22
C GLN E 3 15.28 -0.08 -35.68
N LEU E 4 16.38 0.63 -35.90
CA LEU E 4 16.54 2.03 -35.47
C LEU E 4 17.05 2.81 -36.68
N VAL E 5 16.12 3.36 -37.46
CA VAL E 5 16.45 4.10 -38.67
C VAL E 5 16.31 5.59 -38.39
N GLU E 6 17.29 6.37 -38.83
CA GLU E 6 17.31 7.80 -38.60
C GLU E 6 17.68 8.53 -39.89
N SER E 7 17.28 9.79 -39.97
CA SER E 7 17.49 10.62 -41.15
C SER E 7 18.04 11.97 -40.74
N GLY E 8 18.77 12.59 -41.66
CA GLY E 8 19.37 13.89 -41.44
C GLY E 8 20.71 13.98 -42.15
N GLY E 9 21.50 14.97 -41.74
CA GLY E 9 22.84 15.14 -42.27
C GLY E 9 22.88 16.01 -43.52
N GLY E 10 24.11 16.26 -43.96
CA GLY E 10 24.35 17.08 -45.14
C GLY E 10 25.59 17.92 -45.03
N LEU E 11 25.68 18.98 -45.84
CA LEU E 11 26.79 19.93 -45.78
C LEU E 11 26.36 21.14 -44.98
N VAL E 12 27.11 21.45 -43.93
CA VAL E 12 26.71 22.43 -42.93
C VAL E 12 27.79 23.49 -42.80
N GLN E 13 27.38 24.76 -42.84
CA GLN E 13 28.29 25.84 -42.52
C GLN E 13 28.49 25.92 -41.00
N PRO E 14 29.68 26.32 -40.55
CA PRO E 14 29.93 26.38 -39.10
C PRO E 14 29.02 27.40 -38.44
N GLY E 15 28.61 27.11 -37.21
CA GLY E 15 27.73 27.97 -36.46
C GLY E 15 26.26 27.82 -36.76
N GLY E 16 25.87 26.84 -37.58
CA GLY E 16 24.48 26.64 -37.93
C GLY E 16 23.74 25.84 -36.86
N SER E 17 22.52 25.47 -37.20
CA SER E 17 21.66 24.72 -36.28
C SER E 17 20.74 23.81 -37.08
N ARG E 18 20.74 22.53 -36.75
CA ARG E 18 19.91 21.55 -37.45
C ARG E 18 19.24 20.65 -36.41
N LYS E 19 18.63 19.58 -36.90
CA LYS E 19 17.94 18.61 -36.07
C LYS E 19 18.26 17.21 -36.56
N LEU E 20 18.42 16.28 -35.62
CA LEU E 20 18.63 14.87 -35.92
C LEU E 20 17.45 14.09 -35.35
N SER E 21 16.77 13.32 -36.18
CA SER E 21 15.57 12.61 -35.81
C SER E 21 15.81 11.11 -35.85
N CYS E 22 15.48 10.43 -34.76
CA CYS E 22 15.60 8.98 -34.65
C CYS E 22 14.20 8.38 -34.58
N SER E 23 13.80 7.67 -35.63
CA SER E 23 12.51 6.99 -35.67
C SER E 23 12.71 5.54 -35.25
N ALA E 24 12.00 5.13 -34.20
CA ALA E 24 12.12 3.79 -33.64
C ALA E 24 10.88 2.99 -33.98
N SER E 25 11.08 1.72 -34.36
CA SER E 25 9.98 0.85 -34.72
C SER E 25 10.36 -0.59 -34.41
N GLY E 26 9.53 -1.27 -33.63
CA GLY E 26 9.74 -2.67 -33.35
C GLY E 26 9.83 -3.04 -31.88
N PHE E 27 9.82 -2.06 -30.99
CA PHE E 27 9.91 -2.34 -29.57
C PHE E 27 9.06 -1.33 -28.80
N ALA E 28 9.23 -1.30 -27.48
CA ALA E 28 8.53 -0.37 -26.60
C ALA E 28 9.47 0.79 -26.32
N PHE E 29 9.32 1.88 -27.08
CA PHE E 29 10.22 3.01 -26.94
C PHE E 29 10.08 3.70 -25.59
N SER E 30 8.92 3.61 -24.96
CA SER E 30 8.70 4.33 -23.72
C SER E 30 9.55 3.79 -22.57
N SER E 31 9.88 2.50 -22.60
CA SER E 31 10.60 1.86 -21.50
C SER E 31 12.10 1.86 -21.68
N PHE E 32 12.62 2.43 -22.76
CA PHE E 32 14.03 2.35 -23.11
C PHE E 32 14.71 3.70 -22.94
N GLY E 33 15.82 3.72 -22.22
CA GLY E 33 16.62 4.92 -22.13
C GLY E 33 17.61 5.01 -23.27
N MET E 34 17.39 5.94 -24.19
CA MET E 34 18.15 6.00 -25.42
C MET E 34 19.38 6.88 -25.27
N HIS E 35 20.37 6.61 -26.11
CA HIS E 35 21.67 7.31 -26.07
C HIS E 35 21.92 7.98 -27.41
N TRP E 36 23.13 8.51 -27.56
CA TRP E 36 23.60 9.07 -28.83
C TRP E 36 25.11 8.92 -28.85
N VAL E 37 25.64 8.24 -29.86
CA VAL E 37 27.07 7.99 -29.97
C VAL E 37 27.53 8.40 -31.36
N ARG E 38 28.61 9.16 -31.44
CA ARG E 38 29.17 9.60 -32.71
C ARG E 38 30.41 8.77 -33.06
N GLN E 39 30.93 9.03 -34.25
CA GLN E 39 32.16 8.37 -34.69
C GLN E 39 32.81 9.23 -35.78
N ALA E 40 33.99 9.76 -35.49
CA ALA E 40 34.73 10.50 -36.49
C ALA E 40 35.18 9.56 -37.62
N PRO E 41 35.41 10.09 -38.81
CA PRO E 41 35.79 9.21 -39.94
C PRO E 41 37.07 8.44 -39.71
N GLU E 42 37.97 8.91 -38.85
CA GLU E 42 39.22 8.21 -38.59
C GLU E 42 39.47 8.01 -37.10
N LYS E 43 38.43 8.05 -36.27
CA LYS E 43 38.60 7.87 -34.84
C LYS E 43 37.63 6.82 -34.29
N GLY E 44 37.61 6.66 -32.97
CA GLY E 44 36.77 5.66 -32.35
C GLY E 44 35.35 6.14 -32.11
N LEU E 45 34.82 5.88 -30.92
CA LEU E 45 33.46 6.27 -30.57
C LEU E 45 33.49 7.27 -29.43
N GLU E 46 32.49 8.16 -29.42
CA GLU E 46 32.35 9.16 -28.37
C GLU E 46 30.88 9.29 -28.00
N TRP E 47 30.62 9.38 -26.70
CA TRP E 47 29.27 9.52 -26.19
C TRP E 47 28.81 10.97 -26.31
N VAL E 48 27.50 11.14 -26.55
CA VAL E 48 26.94 12.47 -26.80
C VAL E 48 25.93 12.86 -25.74
N ALA E 49 24.86 12.09 -25.61
CA ALA E 49 23.79 12.48 -24.71
C ALA E 49 23.04 11.24 -24.24
N TYR E 50 22.31 11.40 -23.14
CA TYR E 50 21.48 10.35 -22.56
C TYR E 50 20.15 10.93 -22.15
N ILE E 51 19.07 10.22 -22.46
CA ILE E 51 17.74 10.54 -21.96
C ILE E 51 17.11 9.27 -21.41
N SER E 52 16.53 9.36 -20.22
CA SER E 52 15.96 8.19 -19.55
C SER E 52 14.53 7.97 -20.03
N SER E 53 13.83 7.02 -19.41
CA SER E 53 12.45 6.75 -19.76
C SER E 53 11.56 7.85 -19.20
N GLY E 54 10.71 8.43 -20.04
CA GLY E 54 9.88 9.54 -19.61
C GLY E 54 10.62 10.85 -19.46
N SER E 55 11.84 10.94 -20.01
CA SER E 55 12.66 12.15 -19.94
C SER E 55 12.89 12.58 -18.49
N GLY E 56 13.01 11.59 -17.60
CA GLY E 56 13.24 11.87 -16.19
C GLY E 56 14.57 12.55 -15.92
N THR E 57 15.65 11.89 -16.28
CA THR E 57 17.00 12.43 -16.09
C THR E 57 17.74 12.44 -17.42
N ILE E 58 18.51 13.51 -17.65
CA ILE E 58 19.23 13.71 -18.91
C ILE E 58 20.67 14.07 -18.57
N TYR E 59 21.61 13.43 -19.24
CA TYR E 59 23.03 13.71 -19.08
C TYR E 59 23.63 14.08 -20.42
N TYR E 60 24.71 14.87 -20.38
CA TYR E 60 25.36 15.34 -21.59
C TYR E 60 26.86 15.15 -21.47
N ALA E 61 27.51 15.02 -22.62
CA ALA E 61 28.97 14.97 -22.66
C ALA E 61 29.55 16.34 -22.36
N ASP E 62 30.84 16.36 -22.01
CA ASP E 62 31.50 17.62 -21.69
C ASP E 62 31.59 18.53 -22.91
N THR E 63 31.89 17.97 -24.07
CA THR E 63 32.13 18.78 -25.27
C THR E 63 30.86 19.27 -25.94
N VAL E 64 29.69 18.73 -25.57
CA VAL E 64 28.44 19.16 -26.17
C VAL E 64 27.46 19.67 -25.13
N LYS E 65 27.95 20.01 -23.94
CA LYS E 65 27.07 20.52 -22.89
C LYS E 65 26.60 21.92 -23.23
N GLY E 66 25.29 22.12 -23.16
CA GLY E 66 24.71 23.44 -23.43
C GLY E 66 24.28 23.71 -24.86
N ARG E 67 25.13 23.41 -25.83
CA ARG E 67 24.83 23.65 -27.23
C ARG E 67 24.10 22.49 -27.90
N PHE E 68 23.89 21.38 -27.19
CA PHE E 68 23.16 20.23 -27.70
C PHE E 68 21.94 20.00 -26.82
N THR E 69 20.79 19.79 -27.44
CA THR E 69 19.55 19.54 -26.71
C THR E 69 18.92 18.25 -27.22
N ILE E 70 18.55 17.38 -26.29
CA ILE E 70 17.99 16.07 -26.60
C ILE E 70 16.58 15.99 -26.03
N SER E 71 15.68 15.35 -26.78
CA SER E 71 14.31 15.18 -26.32
C SER E 71 13.70 13.98 -27.03
N ARG E 72 12.75 13.33 -26.35
CA ARG E 72 12.06 12.18 -26.89
C ARG E 72 10.57 12.48 -27.02
N ASP E 73 9.94 11.86 -28.01
CA ASP E 73 8.52 12.03 -28.28
C ASP E 73 7.86 10.66 -28.18
N ASP E 74 7.42 10.29 -26.98
CA ASP E 74 6.88 8.96 -26.76
C ASP E 74 5.65 8.68 -27.61
N PRO E 75 4.62 9.54 -27.67
CA PRO E 75 3.51 9.26 -28.59
C PRO E 75 3.93 9.20 -30.05
N LYS E 76 4.89 10.05 -30.44
CA LYS E 76 5.37 10.03 -31.82
C LYS E 76 6.45 8.97 -32.06
N ASN E 77 6.96 8.35 -30.99
CA ASN E 77 7.92 7.26 -31.08
C ASN E 77 9.18 7.71 -31.85
N THR E 78 9.72 8.87 -31.46
CA THR E 78 10.91 9.41 -32.09
C THR E 78 11.86 9.97 -31.03
N LEU E 79 13.13 10.04 -31.39
CA LEU E 79 14.17 10.63 -30.55
C LEU E 79 14.81 11.78 -31.30
N PHE E 80 14.96 12.91 -30.61
CA PHE E 80 15.35 14.17 -31.24
C PHE E 80 16.64 14.71 -30.64
N LEU E 81 17.51 15.23 -31.50
CA LEU E 81 18.70 15.94 -31.06
C LEU E 81 18.79 17.26 -31.82
N GLN E 82 18.97 18.35 -31.07
CA GLN E 82 19.11 19.69 -31.65
C GLN E 82 20.50 20.20 -31.34
N MET E 83 21.27 20.52 -32.39
CA MET E 83 22.62 21.02 -32.23
C MET E 83 22.67 22.47 -32.71
N THR E 84 23.18 23.35 -31.86
CA THR E 84 23.27 24.77 -32.15
C THR E 84 24.71 25.23 -31.97
N SER E 85 25.11 26.20 -32.80
CA SER E 85 26.47 26.75 -32.77
C SER E 85 27.52 25.66 -32.93
N LEU E 86 27.25 24.70 -33.80
CA LEU E 86 28.19 23.61 -34.01
C LEU E 86 29.41 24.09 -34.78
N ARG E 87 30.57 23.54 -34.43
CA ARG E 87 31.84 23.90 -35.05
C ARG E 87 32.24 22.83 -36.06
N SER E 88 33.45 22.97 -36.61
CA SER E 88 33.95 22.04 -37.61
C SER E 88 34.57 20.79 -37.00
N GLU E 89 34.62 20.69 -35.67
CA GLU E 89 35.15 19.51 -35.01
C GLU E 89 34.11 18.41 -34.85
N ASP E 90 32.89 18.62 -35.34
CA ASP E 90 31.82 17.64 -35.24
C ASP E 90 31.50 16.98 -36.57
N THR E 91 32.47 16.92 -37.49
CA THR E 91 32.27 16.29 -38.79
C THR E 91 32.31 14.77 -38.62
N ALA E 92 31.27 14.27 -37.94
CA ALA E 92 31.19 12.86 -37.62
C ALA E 92 29.74 12.41 -37.74
N MET E 93 29.57 11.12 -38.00
CA MET E 93 28.24 10.53 -38.13
C MET E 93 27.81 9.91 -36.80
N TYR E 94 26.52 10.00 -36.53
CA TYR E 94 25.96 9.74 -35.21
C TYR E 94 25.17 8.44 -35.21
N TYR E 95 25.30 7.67 -34.13
CA TYR E 95 24.54 6.46 -33.93
C TYR E 95 23.41 6.71 -32.95
N CYS E 96 22.37 5.90 -33.05
CA CYS E 96 21.20 5.95 -32.18
C CYS E 96 21.17 4.63 -31.41
N VAL E 97 21.49 4.68 -30.12
CA VAL E 97 21.70 3.47 -29.34
C VAL E 97 20.67 3.42 -28.21
N ARG E 98 20.02 2.28 -28.07
CA ARG E 98 19.01 2.05 -27.04
C ARG E 98 19.63 1.31 -25.87
N SER E 99 18.96 1.39 -24.72
CA SER E 99 19.43 0.73 -23.50
C SER E 99 18.33 0.70 -22.44
N ILE E 100 18.08 -0.47 -21.86
CA ILE E 100 17.10 -0.62 -20.79
C ILE E 100 17.83 -1.06 -19.53
N TYR E 101 17.49 -0.44 -18.40
CA TYR E 101 18.23 -0.60 -17.17
C TYR E 101 17.34 -1.24 -16.10
N TYR E 102 17.53 -2.52 -15.86
CA TYR E 102 16.99 -3.20 -14.69
C TYR E 102 17.96 -4.30 -14.30
N TYR E 103 17.51 -5.22 -13.44
CA TYR E 103 18.38 -6.29 -12.97
C TYR E 103 18.45 -7.39 -14.02
N GLY E 104 19.65 -7.68 -14.49
CA GLY E 104 19.87 -8.69 -15.50
C GLY E 104 19.72 -8.22 -16.93
N SER E 105 19.47 -6.94 -17.15
CA SER E 105 19.28 -6.42 -18.49
C SER E 105 20.62 -6.28 -19.22
N SER E 106 20.54 -6.03 -20.52
CA SER E 106 21.72 -5.86 -21.38
C SER E 106 21.65 -4.49 -22.04
N PRO E 107 22.25 -3.47 -21.44
CA PRO E 107 22.24 -2.14 -22.06
C PRO E 107 23.04 -2.11 -23.35
N PHE E 108 22.71 -1.12 -24.19
CA PHE E 108 23.34 -0.94 -25.49
C PHE E 108 23.15 -2.17 -26.37
N ASP E 109 21.95 -2.76 -26.30
CA ASP E 109 21.70 -4.01 -27.01
C ASP E 109 21.70 -3.79 -28.52
N PHE E 110 20.99 -2.78 -29.01
CA PHE E 110 20.83 -2.57 -30.44
C PHE E 110 21.22 -1.15 -30.80
N TRP E 111 21.93 -1.00 -31.91
CA TRP E 111 22.43 0.28 -32.38
C TRP E 111 21.75 0.65 -33.69
N GLY E 112 21.57 1.94 -33.91
CA GLY E 112 20.99 2.43 -35.14
C GLY E 112 21.95 2.32 -36.31
N GLN E 113 21.51 2.85 -37.44
CA GLN E 113 22.33 2.76 -38.66
C GLN E 113 23.34 3.90 -38.74
N GLY E 114 22.85 5.14 -38.68
CA GLY E 114 23.75 6.28 -38.67
C GLY E 114 23.53 7.28 -39.79
N THR E 115 23.55 8.57 -39.44
CA THR E 115 23.38 9.65 -40.40
C THR E 115 24.67 10.46 -40.46
N THR E 116 25.22 10.62 -41.66
CA THR E 116 26.49 11.32 -41.83
C THR E 116 26.24 12.82 -41.86
N LEU E 117 26.86 13.54 -40.93
CA LEU E 117 26.80 15.00 -40.86
C LEU E 117 28.18 15.55 -41.17
N THR E 118 28.26 16.43 -42.17
CA THR E 118 29.53 16.98 -42.63
C THR E 118 29.49 18.50 -42.49
N VAL E 119 30.60 19.07 -42.00
CA VAL E 119 30.73 20.51 -41.80
C VAL E 119 31.98 20.98 -42.54
N SER E 120 31.84 22.04 -43.33
CA SER E 120 32.95 22.61 -44.07
C SER E 120 33.58 23.75 -43.27
N SER E 121 34.89 23.69 -43.11
CA SER E 121 35.61 24.72 -42.36
C SER E 121 36.02 25.88 -43.26
N SER E 136 38.36 13.94 -14.60
CA SER E 136 37.39 13.44 -13.63
C SER E 136 36.71 12.17 -14.14
N ASP E 137 36.62 12.05 -15.46
CA ASP E 137 35.99 10.89 -16.06
C ASP E 137 36.99 9.73 -16.16
N ILE E 138 36.46 8.54 -16.40
CA ILE E 138 37.28 7.34 -16.50
C ILE E 138 37.94 7.30 -17.86
N VAL E 139 39.27 7.18 -17.87
CA VAL E 139 40.05 7.10 -19.11
C VAL E 139 40.40 5.65 -19.35
N MET E 140 40.05 5.14 -20.52
CA MET E 140 40.28 3.74 -20.88
C MET E 140 41.10 3.69 -22.16
N THR E 141 42.16 2.90 -22.14
CA THR E 141 43.07 2.77 -23.27
C THR E 141 43.33 1.30 -23.57
N GLN E 142 43.56 1.02 -24.85
CA GLN E 142 43.94 -0.31 -25.31
C GLN E 142 45.30 -0.22 -26.00
N ALA E 143 46.30 -0.89 -25.44
CA ALA E 143 47.63 -0.83 -26.00
C ALA E 143 47.68 -1.46 -27.39
N THR E 144 47.02 -2.60 -27.57
CA THR E 144 47.02 -3.28 -28.85
C THR E 144 46.26 -2.49 -29.89
N SER E 145 46.74 -2.53 -31.13
CA SER E 145 46.09 -1.83 -32.23
C SER E 145 46.49 -2.50 -33.53
N SER E 146 45.48 -2.91 -34.33
CA SER E 146 45.69 -3.57 -35.61
C SER E 146 46.57 -4.81 -35.46
N VAL E 147 46.31 -5.60 -34.41
CA VAL E 147 47.10 -6.80 -34.16
C VAL E 147 46.79 -7.85 -35.23
N PRO E 148 47.79 -8.48 -35.84
CA PRO E 148 47.51 -9.53 -36.83
C PRO E 148 46.90 -10.76 -36.18
N VAL E 149 46.11 -11.49 -36.97
CA VAL E 149 45.44 -12.69 -36.49
C VAL E 149 45.15 -13.58 -37.69
N THR E 150 45.08 -14.89 -37.44
CA THR E 150 44.78 -15.88 -38.47
C THR E 150 43.61 -16.74 -38.03
N PRO E 151 42.78 -17.19 -38.98
CA PRO E 151 41.63 -18.04 -38.62
C PRO E 151 42.10 -19.38 -38.07
N GLY E 152 41.80 -19.62 -36.80
CA GLY E 152 42.17 -20.86 -36.13
C GLY E 152 43.00 -20.66 -34.88
N GLU E 153 43.60 -19.49 -34.70
CA GLU E 153 44.44 -19.19 -33.55
C GLU E 153 43.68 -18.28 -32.59
N SER E 154 43.68 -18.63 -31.31
CA SER E 154 43.00 -17.82 -30.31
C SER E 154 43.68 -16.46 -30.17
N VAL E 155 42.87 -15.44 -29.91
CA VAL E 155 43.33 -14.06 -29.79
C VAL E 155 42.85 -13.50 -28.46
N SER E 156 43.70 -12.70 -27.82
CA SER E 156 43.39 -12.09 -26.53
C SER E 156 43.52 -10.58 -26.65
N ILE E 157 42.51 -9.85 -26.20
CA ILE E 157 42.47 -8.40 -26.24
C ILE E 157 42.38 -7.87 -24.82
N SER E 158 43.27 -6.94 -24.46
CA SER E 158 43.32 -6.36 -23.14
C SER E 158 42.96 -4.88 -23.22
N CYS E 159 42.10 -4.43 -22.32
CA CYS E 159 41.68 -3.03 -22.26
C CYS E 159 41.77 -2.57 -20.80
N ARG E 160 42.89 -1.92 -20.46
CA ARG E 160 43.11 -1.46 -19.10
C ARG E 160 42.34 -0.16 -18.84
N SER E 161 41.81 -0.05 -17.64
CA SER E 161 41.07 1.13 -17.21
C SER E 161 41.95 2.01 -16.33
N SER E 162 41.35 3.07 -15.79
CA SER E 162 42.02 3.96 -14.86
C SER E 162 41.37 4.01 -13.48
N LYS E 163 40.13 3.55 -13.35
CA LYS E 163 39.43 3.51 -12.08
C LYS E 163 38.90 2.11 -11.85
N SER E 164 38.81 1.72 -10.58
CA SER E 164 38.29 0.41 -10.21
C SER E 164 36.83 0.28 -10.66
N LEU E 165 36.58 -0.55 -11.66
CA LEU E 165 35.24 -0.70 -12.22
C LEU E 165 34.37 -1.66 -11.42
N LEU E 166 34.90 -2.31 -10.39
CA LEU E 166 34.13 -3.23 -9.58
C LEU E 166 33.36 -2.43 -8.53
N HIS E 167 32.05 -2.33 -8.70
CA HIS E 167 31.23 -1.62 -7.75
C HIS E 167 31.09 -2.41 -6.44
N SER E 168 30.63 -1.73 -5.40
CA SER E 168 30.51 -2.33 -4.08
C SER E 168 29.40 -3.37 -3.98
N ASN E 169 28.54 -3.48 -4.99
CA ASN E 169 27.44 -4.44 -4.97
C ASN E 169 27.76 -5.72 -5.73
N GLY E 170 29.03 -5.93 -6.10
CA GLY E 170 29.43 -7.13 -6.79
C GLY E 170 29.30 -7.10 -8.30
N ASN E 171 28.77 -6.02 -8.86
CA ASN E 171 28.62 -5.88 -10.30
C ASN E 171 29.73 -4.99 -10.84
N THR E 172 30.45 -5.49 -11.83
CA THR E 172 31.53 -4.77 -12.49
C THR E 172 31.17 -4.53 -13.95
N TYR E 173 31.24 -3.27 -14.38
CA TYR E 173 30.68 -2.83 -15.65
C TYR E 173 31.79 -2.66 -16.67
N LEU E 174 31.68 -3.38 -17.78
CA LEU E 174 32.57 -3.19 -18.93
C LEU E 174 31.93 -3.84 -20.15
N TYR E 175 31.63 -3.06 -21.17
CA TYR E 175 30.94 -3.54 -22.36
C TYR E 175 31.91 -3.59 -23.53
N TRP E 176 31.94 -4.71 -24.23
CA TRP E 176 32.75 -4.90 -25.42
C TRP E 176 31.88 -4.85 -26.66
N PHE E 177 32.24 -4.02 -27.62
CA PHE E 177 31.50 -3.87 -28.86
C PHE E 177 32.36 -4.29 -30.04
N LEU E 178 31.71 -4.88 -31.05
CA LEU E 178 32.37 -5.27 -32.29
C LEU E 178 31.80 -4.46 -33.43
N GLN E 179 32.68 -3.77 -34.15
CA GLN E 179 32.30 -2.96 -35.30
C GLN E 179 32.88 -3.62 -36.55
N ARG E 180 32.07 -4.44 -37.20
CA ARG E 180 32.47 -4.98 -38.49
C ARG E 180 32.55 -3.85 -39.50
N PRO E 181 33.45 -3.96 -40.49
CA PRO E 181 33.59 -2.89 -41.47
C PRO E 181 32.28 -2.66 -42.22
N GLY E 182 31.95 -1.38 -42.44
CA GLY E 182 30.73 -1.03 -43.13
C GLY E 182 29.54 -0.69 -42.26
N GLN E 183 29.08 -1.61 -41.42
CA GLN E 183 27.84 -1.43 -40.70
C GLN E 183 28.09 -1.02 -39.25
N SER E 184 26.99 -0.90 -38.49
CA SER E 184 27.05 -0.37 -37.14
C SER E 184 27.58 -1.41 -36.16
N PRO E 185 28.16 -0.97 -35.05
CA PRO E 185 28.62 -1.92 -34.03
C PRO E 185 27.46 -2.66 -33.38
N GLN E 186 27.79 -3.81 -32.80
CA GLN E 186 26.84 -4.64 -32.08
C GLN E 186 27.44 -5.06 -30.75
N LEU E 187 26.58 -5.30 -29.76
CA LEU E 187 27.04 -5.69 -28.44
C LEU E 187 27.52 -7.13 -28.45
N LEU E 188 28.67 -7.38 -27.80
CA LEU E 188 29.21 -8.71 -27.65
C LEU E 188 29.13 -9.20 -26.21
N ILE E 189 29.70 -8.44 -25.27
CA ILE E 189 29.82 -8.85 -23.87
C ILE E 189 29.42 -7.67 -23.03
N TYR E 190 28.27 -7.78 -22.34
CA TYR E 190 27.93 -6.79 -21.33
C TYR E 190 28.72 -7.12 -20.08
N ARG E 191 28.30 -6.64 -18.91
CA ARG E 191 29.20 -6.21 -17.83
C ARG E 191 30.56 -6.89 -17.79
N MET E 192 30.58 -8.23 -17.73
CA MET E 192 31.62 -9.16 -18.20
C MET E 192 31.21 -10.59 -17.93
N SER E 193 31.80 -11.53 -18.68
CA SER E 193 31.51 -12.96 -18.59
C SER E 193 30.05 -13.26 -18.93
N ASN E 194 29.35 -12.29 -19.51
CA ASN E 194 27.98 -12.48 -19.98
C ASN E 194 27.95 -12.31 -21.48
N LEU E 195 27.37 -13.28 -22.19
CA LEU E 195 27.24 -13.20 -23.63
C LEU E 195 25.98 -12.43 -24.00
N ALA E 196 26.06 -11.68 -25.10
CA ALA E 196 24.91 -10.94 -25.58
C ALA E 196 23.84 -11.89 -26.10
N SER E 197 22.71 -11.31 -26.52
CA SER E 197 21.58 -12.08 -27.03
C SER E 197 21.72 -12.22 -28.54
N GLY E 198 22.28 -13.34 -28.99
CA GLY E 198 22.43 -13.59 -30.41
C GLY E 198 23.88 -13.66 -30.85
N VAL E 199 24.76 -14.08 -29.96
CA VAL E 199 26.18 -14.17 -30.25
C VAL E 199 26.67 -15.58 -29.90
N PRO E 200 27.53 -16.19 -30.72
CA PRO E 200 28.02 -17.54 -30.39
C PRO E 200 28.84 -17.54 -29.11
N ASP E 201 29.11 -18.77 -28.64
CA ASP E 201 29.76 -19.00 -27.35
C ASP E 201 31.27 -18.87 -27.47
N ARG E 202 31.79 -18.61 -28.67
CA ARG E 202 33.24 -18.54 -28.86
C ARG E 202 33.86 -17.41 -28.04
N PHE E 203 33.18 -16.27 -27.97
CA PHE E 203 33.70 -15.14 -27.19
C PHE E 203 33.66 -15.46 -25.70
N SER E 204 34.65 -14.95 -24.97
CA SER E 204 34.73 -15.16 -23.53
C SER E 204 35.57 -14.04 -22.93
N GLY E 205 34.98 -13.27 -22.04
CA GLY E 205 35.65 -12.13 -21.44
C GLY E 205 35.87 -12.33 -19.95
N SER E 206 37.01 -11.85 -19.46
CA SER E 206 37.35 -11.94 -18.04
C SER E 206 37.91 -10.60 -17.59
N GLY E 207 37.81 -10.33 -16.29
CA GLY E 207 38.24 -9.06 -15.75
C GLY E 207 38.89 -9.22 -14.39
N SER E 208 39.46 -8.11 -13.91
CA SER E 208 40.12 -8.09 -12.62
C SER E 208 39.80 -6.86 -11.78
N GLY E 209 39.09 -5.87 -12.33
CA GLY E 209 38.80 -4.65 -11.60
C GLY E 209 39.40 -3.42 -12.24
N THR E 210 40.62 -3.55 -12.73
CA THR E 210 41.30 -2.50 -13.49
C THR E 210 41.82 -2.99 -14.83
N ALA E 211 42.31 -4.23 -14.90
CA ALA E 211 42.76 -4.84 -16.15
C ALA E 211 41.76 -5.92 -16.55
N PHE E 212 41.33 -5.87 -17.81
CA PHE E 212 40.33 -6.80 -18.33
C PHE E 212 40.85 -7.45 -19.61
N THR E 213 40.31 -8.62 -19.91
CA THR E 213 40.79 -9.41 -21.04
C THR E 213 39.60 -10.07 -21.75
N LEU E 214 39.58 -9.98 -23.07
CA LEU E 214 38.61 -10.67 -23.90
C LEU E 214 39.34 -11.73 -24.73
N THR E 215 38.90 -12.97 -24.63
CA THR E 215 39.53 -14.09 -25.31
C THR E 215 38.53 -14.73 -26.28
N ILE E 216 38.98 -14.97 -27.51
CA ILE E 216 38.19 -15.66 -28.52
C ILE E 216 38.86 -17.00 -28.80
N SER E 217 38.09 -18.08 -28.67
CA SER E 217 38.64 -19.41 -28.90
C SER E 217 38.91 -19.64 -30.39
N ARG E 218 37.86 -19.59 -31.21
CA ARG E 218 37.97 -19.74 -32.64
C ARG E 218 37.34 -18.54 -33.32
N LEU E 219 37.87 -18.19 -34.49
CA LEU E 219 37.38 -17.04 -35.23
C LEU E 219 37.23 -17.39 -36.70
N GLU E 220 36.35 -16.67 -37.38
CA GLU E 220 36.09 -16.90 -38.79
C GLU E 220 36.29 -15.61 -39.59
N ALA E 221 35.91 -15.63 -40.86
CA ALA E 221 36.10 -14.45 -41.72
C ALA E 221 35.23 -13.28 -41.29
N GLU E 222 34.10 -13.54 -40.62
CA GLU E 222 33.19 -12.45 -40.23
C GLU E 222 33.59 -11.80 -38.91
N ASP E 223 34.58 -12.34 -38.20
CA ASP E 223 34.98 -11.79 -36.91
C ASP E 223 35.99 -10.66 -37.02
N VAL E 224 36.45 -10.34 -38.23
CA VAL E 224 37.39 -9.24 -38.39
C VAL E 224 36.66 -7.91 -38.21
N GLY E 225 37.31 -6.98 -37.52
CA GLY E 225 36.70 -5.69 -37.27
C GLY E 225 37.47 -4.92 -36.23
N VAL E 226 36.78 -4.00 -35.56
CA VAL E 226 37.36 -3.14 -34.54
C VAL E 226 36.60 -3.37 -33.24
N TYR E 227 37.34 -3.59 -32.16
CA TYR E 227 36.76 -3.86 -30.85
C TYR E 227 36.90 -2.64 -29.95
N TYR E 228 35.78 -2.22 -29.35
CA TYR E 228 35.74 -1.07 -28.46
C TYR E 228 35.30 -1.52 -27.08
N CYS E 229 36.02 -1.07 -26.06
CA CYS E 229 35.67 -1.36 -24.66
C CYS E 229 35.09 -0.10 -24.02
N MET E 230 33.92 -0.25 -23.40
CA MET E 230 33.23 0.87 -22.77
C MET E 230 32.88 0.52 -21.34
N GLN E 231 33.05 1.49 -20.44
CA GLN E 231 32.60 1.34 -19.06
C GLN E 231 31.27 2.05 -18.87
N HIS E 232 30.60 1.75 -17.77
CA HIS E 232 29.32 2.38 -17.47
C HIS E 232 29.19 2.73 -15.99
N LEU E 233 30.30 2.89 -15.27
CA LEU E 233 30.23 3.11 -13.83
C LEU E 233 29.60 4.46 -13.50
N GLU E 234 30.02 5.51 -14.20
CA GLU E 234 29.53 6.85 -13.91
C GLU E 234 29.59 7.70 -15.17
N TYR E 235 28.56 8.52 -15.36
CA TYR E 235 28.54 9.43 -16.50
C TYR E 235 29.54 10.57 -16.28
N PRO E 236 30.22 11.04 -17.34
CA PRO E 236 30.13 10.53 -18.70
C PRO E 236 30.87 9.21 -18.86
N LEU E 237 30.38 8.36 -19.76
CA LEU E 237 30.96 7.04 -19.99
C LEU E 237 31.80 7.08 -21.26
N THR E 238 33.05 6.64 -21.14
CA THR E 238 34.05 6.82 -22.17
C THR E 238 34.41 5.50 -22.82
N PHE E 239 34.53 5.51 -24.15
CA PHE E 239 34.96 4.33 -24.90
C PHE E 239 36.48 4.21 -24.81
N GLY E 240 37.04 3.34 -25.65
CA GLY E 240 38.47 3.19 -25.76
C GLY E 240 38.91 3.25 -27.21
N ALA E 241 40.21 3.42 -27.41
CA ALA E 241 40.76 3.45 -28.76
C ALA E 241 40.53 2.10 -29.44
N GLY E 242 40.25 2.15 -30.73
CA GLY E 242 39.94 0.93 -31.45
C GLY E 242 41.12 0.00 -31.56
N THR E 243 40.83 -1.30 -31.55
CA THR E 243 41.84 -2.35 -31.73
C THR E 243 41.40 -3.20 -32.91
N LYS E 244 41.93 -2.89 -34.09
CA LYS E 244 41.54 -3.59 -35.30
C LYS E 244 42.16 -4.98 -35.36
N LEU E 245 41.62 -5.81 -36.23
CA LEU E 245 42.12 -7.17 -36.45
C LEU E 245 42.65 -7.27 -37.88
N GLU E 246 43.86 -7.79 -38.02
CA GLU E 246 44.52 -7.92 -39.31
C GLU E 246 44.67 -9.39 -39.67
N LEU E 247 44.46 -9.69 -40.96
CA LEU E 247 44.56 -11.06 -41.44
C LEU E 247 46.01 -11.51 -41.50
N SER F 1 1.09 43.07 34.14
CA SER F 1 0.71 41.93 34.95
C SER F 1 -0.63 41.35 34.50
N ALA F 2 -0.94 41.52 33.22
CA ALA F 2 -2.18 41.02 32.66
C ALA F 2 -2.01 40.66 31.19
N LYS F 3 -3.12 40.48 30.47
CA LYS F 3 -3.08 40.16 29.06
C LYS F 3 -3.59 41.32 28.22
N GLU F 4 -4.53 42.08 28.77
CA GLU F 4 -5.09 43.24 28.11
C GLU F 4 -4.86 44.48 28.95
N LEU F 5 -4.67 45.60 28.27
CA LEU F 5 -4.39 46.88 28.94
C LEU F 5 -4.85 48.02 28.03
N ARG F 6 -5.34 49.09 28.65
CA ARG F 6 -5.86 50.23 27.91
C ARG F 6 -5.55 51.51 28.69
N CYS F 7 -6.03 52.63 28.16
CA CYS F 7 -5.74 53.93 28.75
C CYS F 7 -6.39 54.08 30.12
N GLN F 8 -5.71 54.80 31.02
CA GLN F 8 -6.20 54.94 32.39
C GLN F 8 -7.41 55.87 32.45
N CYS F 9 -7.35 57.01 31.77
CA CYS F 9 -8.38 58.04 31.86
C CYS F 9 -9.14 58.14 30.55
N ILE F 10 -10.44 58.38 30.64
CA ILE F 10 -11.31 58.50 29.48
C ILE F 10 -11.95 59.87 29.39
N LYS F 11 -12.39 60.44 30.52
CA LYS F 11 -13.07 61.73 30.55
C LYS F 11 -12.23 62.73 31.34
N THR F 12 -12.13 63.94 30.83
CA THR F 12 -11.31 64.99 31.42
C THR F 12 -12.17 66.09 32.02
N TYR F 13 -11.62 66.79 33.00
CA TYR F 13 -12.28 67.89 33.69
C TYR F 13 -11.53 69.17 33.38
N SER F 14 -12.25 70.19 32.90
CA SER F 14 -11.62 71.35 32.25
C SER F 14 -12.12 72.66 32.86
N LYS F 15 -12.10 72.76 34.19
CA LYS F 15 -12.38 74.04 34.82
C LYS F 15 -11.21 74.49 35.66
N PRO F 16 -10.90 75.78 35.68
CA PRO F 16 -9.77 76.26 36.47
C PRO F 16 -10.01 76.11 37.97
N PHE F 17 -8.93 75.89 38.71
CA PHE F 17 -8.98 75.73 40.15
C PHE F 17 -7.68 76.25 40.75
N HIS F 18 -7.44 75.92 42.01
CA HIS F 18 -6.25 76.38 42.71
C HIS F 18 -5.03 75.61 42.22
N PRO F 19 -4.00 76.28 41.69
CA PRO F 19 -2.84 75.55 41.17
C PRO F 19 -2.11 74.72 42.20
N LYS F 20 -2.03 75.19 43.45
CA LYS F 20 -1.33 74.48 44.51
C LYS F 20 -2.25 73.64 45.38
N PHE F 21 -3.36 73.16 44.81
CA PHE F 21 -4.33 72.37 45.56
C PHE F 21 -3.98 70.88 45.61
N ILE F 22 -2.97 70.44 44.86
CA ILE F 22 -2.59 69.03 44.77
C ILE F 22 -1.16 68.89 45.23
N LYS F 23 -0.92 67.90 46.09
CA LYS F 23 0.40 67.67 46.69
C LYS F 23 1.26 66.70 45.89
N GLU F 24 0.70 65.54 45.53
CA GLU F 24 1.45 64.54 44.77
C GLU F 24 0.93 64.49 43.33
N LEU F 25 1.85 64.37 42.38
CA LEU F 25 1.52 64.42 40.96
C LEU F 25 2.05 63.16 40.29
N ARG F 26 1.22 62.57 39.43
CA ARG F 26 1.56 61.39 38.65
C ARG F 26 1.66 61.78 37.19
N VAL F 27 2.79 61.47 36.56
CA VAL F 27 3.04 61.82 35.16
C VAL F 27 3.02 60.53 34.35
N ILE F 28 2.15 60.50 33.34
CA ILE F 28 2.00 59.34 32.45
C ILE F 28 2.19 59.82 31.02
N GLU F 29 3.06 59.13 30.28
CA GLU F 29 3.33 59.46 28.90
C GLU F 29 2.41 58.66 27.98
N SER F 30 2.66 58.71 26.68
CA SER F 30 1.89 57.95 25.69
C SER F 30 2.85 57.05 24.93
N GLY F 31 3.06 55.84 25.46
CA GLY F 31 3.90 54.87 24.80
C GLY F 31 3.08 53.87 24.02
N PRO F 32 3.40 52.58 24.17
CA PRO F 32 2.62 51.54 23.49
C PRO F 32 1.35 51.13 24.24
N HIS F 33 1.10 51.70 25.42
CA HIS F 33 -0.06 51.35 26.21
C HIS F 33 -1.25 52.26 26.01
N CYS F 34 -1.01 53.53 25.65
CA CYS F 34 -2.09 54.49 25.44
C CYS F 34 -1.78 55.33 24.21
N ALA F 35 -2.84 55.82 23.57
CA ALA F 35 -2.71 56.66 22.39
C ALA F 35 -2.67 58.15 22.73
N ASN F 36 -2.68 58.51 24.00
CA ASN F 36 -2.66 59.91 24.42
C ASN F 36 -1.94 60.01 25.75
N THR F 37 -1.46 61.22 26.06
CA THR F 37 -0.82 61.49 27.33
C THR F 37 -1.85 61.93 28.35
N GLU F 38 -1.76 61.39 29.55
CA GLU F 38 -2.68 61.72 30.63
C GLU F 38 -1.90 62.07 31.89
N ILE F 39 -2.51 62.88 32.74
CA ILE F 39 -1.93 63.30 34.01
C ILE F 39 -2.90 62.93 35.12
N ILE F 40 -2.37 62.76 36.33
CA ILE F 40 -3.18 62.38 37.48
C ILE F 40 -2.87 63.34 38.62
N VAL F 41 -3.90 64.01 39.14
CA VAL F 41 -3.80 64.89 40.30
C VAL F 41 -4.76 64.36 41.36
N LYS F 42 -4.26 64.23 42.59
CA LYS F 42 -5.03 63.63 43.67
C LYS F 42 -4.83 64.42 44.96
N LEU F 43 -5.91 64.60 45.70
CA LEU F 43 -5.89 65.23 47.02
C LEU F 43 -5.85 64.16 48.10
N SER F 44 -5.46 64.57 49.31
CA SER F 44 -5.32 63.63 50.42
C SER F 44 -6.64 62.98 50.81
N ASP F 45 -7.78 63.62 50.49
CA ASP F 45 -9.07 63.04 50.87
C ASP F 45 -9.39 61.77 50.09
N GLY F 46 -8.75 61.56 48.93
CA GLY F 46 -8.93 60.35 48.17
C GLY F 46 -9.56 60.50 46.79
N ARG F 47 -9.61 61.70 46.23
CA ARG F 47 -10.17 61.94 44.91
C ARG F 47 -9.04 62.24 43.93
N GLU F 48 -9.05 61.55 42.78
CA GLU F 48 -8.04 61.72 41.75
C GLU F 48 -8.69 62.22 40.47
N LEU F 49 -7.98 63.08 39.76
CA LEU F 49 -8.50 63.72 38.56
C LEU F 49 -7.48 63.60 37.44
N CYS F 50 -7.99 63.49 36.21
CA CYS F 50 -7.15 63.45 35.01
C CYS F 50 -7.52 64.63 34.12
N LEU F 51 -6.50 65.35 33.65
CA LEU F 51 -6.68 66.55 32.85
C LEU F 51 -6.42 66.24 31.38
N ASP F 52 -6.69 67.23 30.53
CA ASP F 52 -6.39 67.14 29.11
C ASP F 52 -5.18 68.01 28.81
N PRO F 53 -4.02 67.42 28.48
CA PRO F 53 -2.82 68.24 28.26
C PRO F 53 -2.94 69.20 27.10
N LYS F 54 -3.85 68.94 26.15
CA LYS F 54 -4.03 69.84 25.01
C LYS F 54 -4.69 71.16 25.39
N GLU F 55 -5.26 71.26 26.58
CA GLU F 55 -5.98 72.46 26.98
C GLU F 55 -4.97 73.52 27.45
N ASN F 56 -5.39 74.79 27.38
CA ASN F 56 -4.46 75.89 27.59
C ASN F 56 -3.84 75.87 28.98
N TRP F 57 -4.66 76.05 30.03
CA TRP F 57 -4.10 76.20 31.36
C TRP F 57 -3.65 74.87 31.98
N VAL F 58 -4.04 73.74 31.39
CA VAL F 58 -3.55 72.45 31.88
C VAL F 58 -2.05 72.34 31.66
N GLN F 59 -1.56 72.75 30.49
CA GLN F 59 -0.14 72.61 30.16
C GLN F 59 0.72 73.46 31.08
N ARG F 60 0.31 74.69 31.36
CA ARG F 60 1.15 75.60 32.15
C ARG F 60 1.28 75.17 33.60
N VAL F 61 0.47 74.22 34.06
CA VAL F 61 0.49 73.82 35.46
C VAL F 61 1.44 72.65 35.69
N VAL F 62 1.46 71.67 34.78
CA VAL F 62 2.15 70.42 35.04
C VAL F 62 3.65 70.63 35.16
N GLU F 63 4.24 71.43 34.26
CA GLU F 63 5.68 71.70 34.37
C GLU F 63 6.00 72.61 35.54
N LYS F 64 5.07 73.48 35.93
CA LYS F 64 5.32 74.37 37.06
C LYS F 64 5.48 73.58 38.35
N PHE F 65 4.64 72.56 38.55
CA PHE F 65 4.73 71.77 39.78
C PHE F 65 6.05 71.00 39.86
N LEU F 66 6.51 70.44 38.74
CA LEU F 66 7.79 69.71 38.75
C LEU F 66 8.94 70.64 39.09
N LYS F 67 8.93 71.85 38.53
CA LYS F 67 9.99 72.81 38.85
C LYS F 67 9.98 73.18 40.33
N ARG F 68 8.79 73.39 40.91
CA ARG F 68 8.70 73.70 42.32
C ARG F 68 9.16 72.54 43.18
N ALA F 69 8.79 71.32 42.81
CA ALA F 69 9.18 70.14 43.57
C ALA F 69 10.17 69.29 42.79
#